data_7NDQ
#
_entry.id   7NDQ
#
_cell.length_a   89.391
_cell.length_b   89.391
_cell.length_c   293.298
_cell.angle_alpha   90.000
_cell.angle_beta   90.000
_cell.angle_gamma   90.000
#
_symmetry.space_group_name_H-M   'P 43 21 2'
#
loop_
_entity.id
_entity.type
_entity.pdbx_description
1 polymer 'HLA class I histocompatibility antigen, alpha chain E'
2 polymer Beta-2-microglobulin
3 polymer Gag6V
4 polymer 'TCR Gag:02-alpha,TCR Gag:02-alpha,TCR Gag:02-alpha'
5 polymer 'T cell receptor beta variable 7-9,M1-specific T cell receptor beta chain,T cell receptor beta variable 7-9,M1-specific T cell receptor beta chain,T cell receptor beta variable 7-9,M1-specific T cell receptor beta chain'
6 water water
#
loop_
_entity_poly.entity_id
_entity_poly.type
_entity_poly.pdbx_seq_one_letter_code
_entity_poly.pdbx_strand_id
1 'polypeptide(L)'
;MGSHSLKYFHTSVSRPGRGEPRFISVGYVDDTQFVRFDNDAASPRMVPRAPWMEQEGSEYWDRETRSARDTAQIFRVNLR
TLRGYYNQSEAGSHTLQWMHGCELGPDGRFLRGYEQFAYDGKDYLTLNEDLRSWTAVDTAAQISEQKSNDASEAEHQRAY
LEDTCVEWLHKYLEKGKETLLHLEPPKTHVTHHPISDHEATLRCWALGFYPAEITLTWQQDGEGHTQDTELVETRPAGDG
TFQKWAAVVVPSGEEQRYTCHVQHEGLPEPVTLRWKP
;
AAA
2 'polypeptide(L)'
;MIQRTPKIQVYSRHPAENGKSNFLNCYVSGFHPSDIEVDLLKNGERIEKVEHSDLSFSKDWSFYLLYYTEFTPTEKDEYA
CRVNHVTLSQPKIVKWDRDM
;
BBB
3 'polypeptide(L)' RMYSPVSIL CCC
4 'polypeptide(L)'
;MLAKTTQPISMDSYEGQEVNITCSHNNIATNDYITWYQQFPSQGPRFIIQGYKTKVTNEVASLFIPADRKSSTLSLPRVS
LSDTAVYYCLVGSSFNQGGKLIFGQGTELSVKPNIQNPDPAVYQLRDSKSSDKSVCLFTDFDSQTNVSQSKDSDVYITDK
CVLDMRSMDFKSNSAVAWSNKSDFACANAFNNSIIPEDT
;
DDD
5 'polypeptide(L)'
;MDTGVSQNPRHKITKRGQNVTFRCDPISEHNRLYWYRQTLGQGPEFLTYFQNEAQLEKSRLLSDRFSAERPKGSFSTLEI
QRTEQGDSAMYLCASSLGREYGYTFGSGTRLTVVEDLNKVFPPEVAVFEPSEAEISHTQKATLVCLATGFYPDHVELSWW
VNGKEVHSGVCTDPQPLKEQPALNDSRYALSSRLRVSATFWQDPRNHFRCQVQFYGLSENDEWTQDRAKPVTQIVSAEAW
GRAD
;
EEE
#
# COMPACT_ATOMS: atom_id res chain seq x y z
N GLY A 2 13.06 -33.34 11.96
CA GLY A 2 11.84 -32.70 12.54
C GLY A 2 12.04 -31.21 12.81
N SER A 3 12.87 -30.53 12.01
CA SER A 3 13.07 -29.06 11.98
C SER A 3 12.35 -28.50 10.76
N HIS A 4 11.19 -27.84 10.95
CA HIS A 4 10.19 -27.52 9.89
C HIS A 4 10.33 -26.08 9.43
N SER A 5 9.76 -25.76 8.26
CA SER A 5 9.88 -24.44 7.61
C SER A 5 8.62 -24.07 6.80
N LEU A 6 8.35 -22.76 6.74
CA LEU A 6 7.45 -22.10 5.75
C LEU A 6 8.26 -21.01 5.04
N LYS A 7 8.41 -21.13 3.72
CA LYS A 7 9.32 -20.29 2.91
C LYS A 7 8.62 -19.96 1.58
N TYR A 8 8.82 -18.73 1.10
CA TYR A 8 8.24 -18.20 -0.15
C TYR A 8 9.40 -17.74 -1.03
N PHE A 9 9.26 -17.88 -2.34
CA PHE A 9 10.31 -17.57 -3.34
C PHE A 9 9.65 -16.80 -4.47
N HIS A 10 9.95 -15.51 -4.60
CA HIS A 10 9.33 -14.64 -5.63
C HIS A 10 10.40 -14.27 -6.64
N THR A 11 10.05 -14.32 -7.91
CA THR A 11 10.97 -14.04 -9.03
C THR A 11 10.26 -13.06 -9.96
N SER A 12 10.95 -11.99 -10.34
CA SER A 12 10.45 -10.97 -11.29
C SER A 12 11.52 -10.69 -12.33
N VAL A 13 11.17 -10.74 -13.62
CA VAL A 13 12.15 -10.68 -14.74
C VAL A 13 11.56 -9.79 -15.83
N SER A 14 12.27 -8.71 -16.19
CA SER A 14 11.78 -7.70 -17.18
C SER A 14 11.96 -8.28 -18.60
N ARG A 15 11.17 -7.78 -19.56
CA ARG A 15 11.16 -8.22 -20.98
C ARG A 15 10.85 -7.01 -21.86
N PRO A 16 11.73 -5.98 -21.88
CA PRO A 16 11.56 -4.83 -22.76
C PRO A 16 10.82 -5.08 -24.08
N GLY A 17 9.66 -4.44 -24.26
CA GLY A 17 8.79 -4.54 -25.46
C GLY A 17 8.42 -5.99 -25.80
N ARG A 18 8.18 -6.81 -24.76
CA ARG A 18 7.68 -8.21 -24.87
C ARG A 18 6.62 -8.41 -23.77
N GLY A 19 5.77 -7.39 -23.58
CA GLY A 19 4.86 -7.25 -22.43
C GLY A 19 5.55 -6.56 -21.27
N GLU A 20 5.01 -6.68 -20.06
CA GLU A 20 5.60 -6.17 -18.80
C GLU A 20 6.24 -7.32 -18.03
N PRO A 21 7.03 -7.06 -16.96
CA PRO A 21 7.80 -8.12 -16.32
C PRO A 21 7.01 -9.37 -15.91
N ARG A 22 7.63 -10.54 -16.15
CA ARG A 22 7.22 -11.87 -15.67
C ARG A 22 7.36 -11.91 -14.16
N PHE A 23 6.36 -12.47 -13.47
CA PHE A 23 6.40 -12.63 -11.99
C PHE A 23 5.88 -14.02 -11.64
N ILE A 24 6.61 -14.70 -10.74
CA ILE A 24 6.32 -16.09 -10.28
C ILE A 24 6.57 -16.19 -8.78
N SER A 25 5.63 -16.78 -8.04
CA SER A 25 5.73 -17.05 -6.59
C SER A 25 5.50 -18.53 -6.36
N VAL A 26 6.23 -19.12 -5.42
CA VAL A 26 6.00 -20.51 -4.95
C VAL A 26 6.26 -20.55 -3.45
N GLY A 27 5.42 -21.27 -2.74
CA GLY A 27 5.56 -21.45 -1.29
C GLY A 27 5.89 -22.89 -0.97
N TYR A 28 6.57 -23.11 0.15
CA TYR A 28 7.08 -24.42 0.60
C TYR A 28 6.81 -24.59 2.08
N VAL A 29 6.08 -25.62 2.44
CA VAL A 29 6.20 -26.24 3.79
C VAL A 29 7.26 -27.36 3.67
N ASP A 30 8.29 -27.31 4.51
CA ASP A 30 9.42 -28.26 4.52
C ASP A 30 9.96 -28.33 3.08
N ASP A 31 9.96 -29.51 2.46
CA ASP A 31 10.54 -29.74 1.10
C ASP A 31 9.42 -30.01 0.11
N THR A 32 8.16 -29.81 0.51
CA THR A 32 6.94 -29.92 -0.33
C THR A 32 6.47 -28.53 -0.77
N GLN A 33 6.50 -28.23 -2.07
CA GLN A 33 5.80 -27.06 -2.65
C GLN A 33 4.31 -27.26 -2.41
N PHE A 34 3.59 -26.21 -1.98
CA PHE A 34 2.12 -26.27 -1.72
C PHE A 34 1.35 -25.21 -2.53
N VAL A 35 1.98 -24.14 -3.04
CA VAL A 35 1.26 -23.05 -3.81
C VAL A 35 2.16 -22.44 -4.89
N ARG A 36 1.54 -22.08 -6.02
CA ARG A 36 2.13 -21.28 -7.13
C ARG A 36 1.27 -20.04 -7.41
N PHE A 37 1.91 -18.97 -7.87
CA PHE A 37 1.25 -17.84 -8.57
C PHE A 37 2.07 -17.51 -9.80
N ASP A 38 1.42 -17.26 -10.94
CA ASP A 38 2.14 -16.96 -12.20
C ASP A 38 1.24 -16.08 -13.05
N ASN A 39 1.66 -14.83 -13.28
CA ASN A 39 0.83 -13.73 -13.81
C ASN A 39 0.60 -13.90 -15.31
N ASP A 40 1.32 -14.80 -15.98
CA ASP A 40 1.07 -15.16 -17.40
C ASP A 40 -0.06 -16.19 -17.47
N ALA A 41 0.16 -17.39 -16.94
CA ALA A 41 -0.69 -18.61 -17.08
C ALA A 41 -2.18 -18.27 -16.98
N ALA A 42 -3.02 -18.97 -17.76
CA ALA A 42 -4.44 -18.65 -18.07
C ALA A 42 -5.08 -17.79 -16.96
N SER A 43 -5.09 -18.29 -15.73
CA SER A 43 -5.58 -17.61 -14.49
C SER A 43 -4.40 -16.96 -13.76
N PRO A 44 -4.41 -15.61 -13.55
CA PRO A 44 -3.33 -14.94 -12.82
C PRO A 44 -3.66 -14.96 -11.31
N ARG A 45 -3.81 -16.16 -10.74
CA ARG A 45 -4.32 -16.40 -9.36
C ARG A 45 -3.41 -17.35 -8.61
N MET A 46 -3.29 -17.19 -7.29
CA MET A 46 -2.58 -18.17 -6.43
C MET A 46 -3.43 -19.43 -6.36
N VAL A 47 -2.80 -20.58 -6.64
CA VAL A 47 -3.45 -21.91 -6.87
C VAL A 47 -2.75 -22.93 -5.98
N PRO A 48 -3.45 -24.01 -5.58
CA PRO A 48 -2.83 -25.07 -4.80
C PRO A 48 -1.92 -25.91 -5.69
N ARG A 49 -0.75 -26.31 -5.15
CA ARG A 49 0.16 -27.32 -5.75
C ARG A 49 0.40 -28.45 -4.73
N ALA A 50 -0.66 -29.03 -4.16
CA ALA A 50 -0.58 -30.03 -3.08
C ALA A 50 -1.98 -30.46 -2.70
N PRO A 51 -2.31 -31.77 -2.79
CA PRO A 51 -3.69 -32.21 -2.60
C PRO A 51 -4.35 -31.65 -1.32
N TRP A 52 -3.57 -31.36 -0.27
CA TRP A 52 -4.12 -30.97 1.07
C TRP A 52 -4.64 -29.52 1.04
N MET A 53 -4.10 -28.67 0.17
CA MET A 53 -4.54 -27.25 0.01
C MET A 53 -5.89 -27.18 -0.72
N GLU A 54 -6.42 -28.31 -1.21
CA GLU A 54 -7.56 -28.34 -2.17
C GLU A 54 -8.87 -27.94 -1.50
N GLN A 55 -8.95 -27.93 -0.16
CA GLN A 55 -10.22 -27.67 0.57
C GLN A 55 -10.06 -26.49 1.53
N GLU A 56 -9.11 -25.59 1.25
CA GLU A 56 -9.22 -24.17 1.67
C GLU A 56 -10.28 -23.54 0.77
N GLY A 57 -11.18 -22.73 1.31
CA GLY A 57 -12.22 -22.04 0.53
C GLY A 57 -11.67 -20.85 -0.23
N SER A 58 -12.53 -20.09 -0.92
CA SER A 58 -12.17 -18.98 -1.83
C SER A 58 -11.70 -17.75 -1.05
N GLU A 59 -12.09 -17.64 0.22
CA GLU A 59 -11.50 -16.63 1.14
C GLU A 59 -9.99 -16.70 1.01
N TYR A 60 -9.39 -17.84 1.38
CA TYR A 60 -7.92 -18.06 1.46
C TYR A 60 -7.26 -17.63 0.14
N TRP A 61 -7.79 -18.13 -0.98
CA TRP A 61 -7.14 -17.99 -2.32
C TRP A 61 -7.19 -16.52 -2.73
N ASP A 62 -8.35 -15.86 -2.59
CA ASP A 62 -8.56 -14.41 -2.82
C ASP A 62 -7.47 -13.59 -2.10
N ARG A 63 -7.38 -13.66 -0.77
CA ARG A 63 -6.28 -13.00 0.00
C ARG A 63 -4.95 -13.24 -0.72
N GLU A 64 -4.57 -14.50 -0.97
CA GLU A 64 -3.21 -14.85 -1.48
C GLU A 64 -3.02 -14.33 -2.91
N THR A 65 -4.05 -14.43 -3.75
CA THR A 65 -4.06 -13.82 -5.11
C THR A 65 -3.83 -12.31 -5.01
N ARG A 66 -4.54 -11.64 -4.09
CA ARG A 66 -4.42 -10.16 -3.86
C ARG A 66 -2.98 -9.87 -3.43
N SER A 67 -2.47 -10.60 -2.44
CA SER A 67 -1.09 -10.44 -1.93
C SER A 67 -0.08 -10.60 -3.08
N ALA A 68 -0.39 -11.44 -4.07
CA ALA A 68 0.56 -11.76 -5.15
C ALA A 68 0.61 -10.61 -6.17
N ARG A 69 -0.55 -10.22 -6.70
CA ARG A 69 -0.69 -9.08 -7.66
C ARG A 69 -0.01 -7.83 -7.04
N ASP A 70 -0.24 -7.61 -5.75
CA ASP A 70 0.45 -6.52 -5.01
C ASP A 70 1.95 -6.65 -5.21
N THR A 71 2.54 -7.77 -4.77
CA THR A 71 4.00 -8.04 -4.88
C THR A 71 4.47 -7.91 -6.34
N ALA A 72 3.80 -8.58 -7.27
CA ALA A 72 4.05 -8.39 -8.73
C ALA A 72 4.18 -6.90 -9.07
N GLN A 73 3.10 -6.13 -8.89
CA GLN A 73 2.98 -4.74 -9.41
C GLN A 73 4.03 -3.82 -8.79
N ILE A 74 4.38 -4.04 -7.51
CA ILE A 74 5.46 -3.30 -6.81
C ILE A 74 6.82 -3.67 -7.41
N PHE A 75 7.03 -4.95 -7.77
CA PHE A 75 8.31 -5.46 -8.30
C PHE A 75 8.51 -4.95 -9.74
N ARG A 76 7.42 -4.72 -10.47
CA ARG A 76 7.50 -4.04 -11.79
C ARG A 76 8.12 -2.66 -11.57
N VAL A 77 7.65 -1.95 -10.54
CA VAL A 77 8.12 -0.59 -10.21
C VAL A 77 9.58 -0.73 -9.77
N ASN A 78 9.83 -1.60 -8.79
CA ASN A 78 11.16 -1.82 -8.15
C ASN A 78 12.25 -2.05 -9.22
N LEU A 79 11.95 -2.78 -10.30
CA LEU A 79 12.92 -3.03 -11.40
C LEU A 79 13.31 -1.69 -12.02
N ARG A 80 12.33 -0.88 -12.45
CA ARG A 80 12.60 0.51 -12.97
C ARG A 80 13.47 1.29 -11.97
N THR A 81 13.13 1.34 -10.68
CA THR A 81 13.99 1.99 -9.66
C THR A 81 15.42 1.47 -9.80
N LEU A 82 15.63 0.16 -9.58
CA LEU A 82 16.95 -0.54 -9.62
C LEU A 82 17.68 -0.20 -10.93
N ARG A 83 17.01 -0.32 -12.07
CA ARG A 83 17.54 0.10 -13.39
C ARG A 83 18.11 1.53 -13.26
N GLY A 84 17.34 2.45 -12.66
CA GLY A 84 17.77 3.82 -12.36
C GLY A 84 19.06 3.86 -11.56
N TYR A 85 19.10 3.28 -10.36
CA TYR A 85 20.27 3.40 -9.45
C TYR A 85 21.56 2.83 -10.08
N TYR A 86 21.43 1.87 -10.99
CA TYR A 86 22.58 1.17 -11.64
C TYR A 86 22.81 1.72 -13.06
N ASN A 87 21.90 2.57 -13.56
CA ASN A 87 22.11 3.37 -14.80
C ASN A 87 22.18 2.43 -16.02
N GLN A 88 21.30 1.42 -16.06
CA GLN A 88 21.29 0.35 -17.09
C GLN A 88 20.20 0.68 -18.09
N SER A 89 20.43 0.42 -19.39
N SER A 89 20.43 0.43 -19.38
CA SER A 89 19.50 0.73 -20.52
CA SER A 89 19.50 0.73 -20.52
C SER A 89 18.13 0.06 -20.32
C SER A 89 18.13 0.07 -20.31
N GLU A 90 17.18 0.37 -21.20
CA GLU A 90 15.79 -0.12 -21.13
C GLU A 90 15.67 -1.47 -21.84
N ALA A 91 16.65 -1.81 -22.70
CA ALA A 91 16.69 -3.04 -23.54
C ALA A 91 17.13 -4.25 -22.70
N GLY A 92 18.09 -4.07 -21.80
CA GLY A 92 18.52 -5.14 -20.88
C GLY A 92 17.34 -5.74 -20.10
N SER A 93 17.17 -7.07 -20.12
CA SER A 93 16.38 -7.82 -19.10
C SER A 93 17.19 -8.00 -17.82
N HIS A 94 16.52 -7.95 -16.66
CA HIS A 94 17.12 -7.99 -15.31
C HIS A 94 16.14 -8.68 -14.37
N THR A 95 16.62 -9.07 -13.20
CA THR A 95 15.98 -10.09 -12.34
C THR A 95 15.95 -9.55 -10.92
N LEU A 96 14.78 -9.54 -10.30
CA LEU A 96 14.67 -9.21 -8.87
C LEU A 96 14.12 -10.44 -8.19
N GLN A 97 14.76 -10.85 -7.09
CA GLN A 97 14.33 -12.07 -6.39
C GLN A 97 14.12 -11.66 -4.94
N TRP A 98 13.14 -12.29 -4.31
CA TRP A 98 12.74 -12.00 -2.92
C TRP A 98 12.38 -13.33 -2.29
N MET A 99 12.90 -13.59 -1.11
CA MET A 99 12.85 -14.91 -0.44
C MET A 99 12.74 -14.61 1.04
N HIS A 100 11.91 -15.36 1.77
CA HIS A 100 11.82 -15.30 3.26
C HIS A 100 11.24 -16.62 3.78
N GLY A 101 11.57 -16.99 5.03
CA GLY A 101 10.98 -18.17 5.69
C GLY A 101 11.11 -18.10 7.21
N CYS A 102 10.23 -18.84 7.91
CA CYS A 102 10.37 -19.13 9.35
C CYS A 102 10.79 -20.61 9.55
N GLU A 103 11.68 -20.85 10.49
CA GLU A 103 12.19 -22.21 10.78
C GLU A 103 11.79 -22.53 12.22
N LEU A 104 11.21 -23.70 12.45
CA LEU A 104 10.90 -24.25 13.79
C LEU A 104 11.95 -25.32 14.13
N GLY A 105 12.21 -25.53 15.42
CA GLY A 105 13.01 -26.67 15.89
C GLY A 105 12.14 -27.91 16.08
N PRO A 106 12.76 -29.11 16.20
CA PRO A 106 12.10 -30.32 16.69
C PRO A 106 10.90 -30.17 17.65
N ASP A 107 10.90 -29.10 18.47
CA ASP A 107 9.98 -28.92 19.61
C ASP A 107 8.84 -27.97 19.22
N GLY A 108 8.88 -27.41 18.01
CA GLY A 108 7.91 -26.40 17.55
C GLY A 108 8.20 -25.01 18.11
N ARG A 109 9.40 -24.84 18.71
CA ARG A 109 9.95 -23.54 19.17
C ARG A 109 10.47 -22.80 17.94
N PHE A 110 10.03 -21.55 17.71
CA PHE A 110 10.55 -20.67 16.63
C PHE A 110 12.07 -20.65 16.77
N LEU A 111 12.78 -20.76 15.65
CA LEU A 111 14.25 -20.90 15.64
C LEU A 111 14.87 -19.69 14.94
N ARG A 112 14.54 -19.45 13.68
CA ARG A 112 15.07 -18.29 12.94
C ARG A 112 14.03 -17.73 11.95
N GLY A 113 14.13 -16.43 11.70
CA GLY A 113 13.55 -15.78 10.52
C GLY A 113 14.66 -15.24 9.62
N TYR A 114 14.42 -15.26 8.32
CA TYR A 114 15.32 -14.67 7.30
C TYR A 114 14.42 -14.08 6.22
N GLU A 115 14.78 -12.90 5.71
CA GLU A 115 14.18 -12.31 4.49
C GLU A 115 15.27 -11.56 3.73
N GLN A 116 15.21 -11.62 2.40
CA GLN A 116 16.38 -11.29 1.56
C GLN A 116 15.92 -10.92 0.16
N PHE A 117 16.61 -9.96 -0.43
CA PHE A 117 16.38 -9.47 -1.81
C PHE A 117 17.67 -9.67 -2.59
N ALA A 118 17.55 -9.93 -3.90
CA ALA A 118 18.70 -10.04 -4.80
C ALA A 118 18.35 -9.46 -6.18
N TYR A 119 19.30 -8.71 -6.75
CA TYR A 119 19.19 -8.07 -8.07
C TYR A 119 20.25 -8.66 -9.00
N ASP A 120 19.78 -9.28 -10.09
CA ASP A 120 20.67 -9.77 -11.19
C ASP A 120 21.59 -10.87 -10.65
N GLY A 121 21.16 -11.60 -9.63
CA GLY A 121 21.93 -12.73 -9.09
C GLY A 121 22.59 -12.40 -7.76
N LYS A 122 23.06 -11.17 -7.57
CA LYS A 122 23.82 -10.83 -6.34
C LYS A 122 22.85 -10.42 -5.22
N ASP A 123 23.14 -10.86 -4.00
CA ASP A 123 22.65 -10.24 -2.74
C ASP A 123 22.44 -8.75 -2.96
N TYR A 124 21.25 -8.22 -2.65
CA TYR A 124 20.95 -6.77 -2.76
C TYR A 124 20.76 -6.16 -1.38
N LEU A 125 19.76 -6.67 -0.65
CA LEU A 125 19.32 -6.13 0.66
C LEU A 125 18.92 -7.31 1.53
N THR A 126 19.39 -7.35 2.78
CA THR A 126 19.35 -8.55 3.66
C THR A 126 18.95 -8.17 5.08
N LEU A 127 17.82 -8.69 5.56
CA LEU A 127 17.31 -8.45 6.94
C LEU A 127 18.29 -9.06 7.93
N ASN A 128 18.49 -8.39 9.08
CA ASN A 128 19.48 -8.75 10.12
C ASN A 128 18.87 -9.64 11.22
N GLU A 129 19.75 -10.23 12.03
CA GLU A 129 19.46 -11.02 13.26
C GLU A 129 18.25 -10.45 14.00
N ASP A 130 18.27 -9.14 14.29
CA ASP A 130 17.26 -8.44 15.15
C ASP A 130 15.93 -8.28 14.41
N LEU A 131 15.89 -8.53 13.08
CA LEU A 131 14.65 -8.63 12.26
C LEU A 131 13.95 -7.26 12.17
N ARG A 132 14.69 -6.15 12.22
CA ARG A 132 14.14 -4.77 12.30
C ARG A 132 15.14 -3.75 11.74
N SER A 133 15.91 -4.14 10.72
CA SER A 133 17.12 -3.41 10.25
C SER A 133 17.78 -4.24 9.15
N TRP A 134 18.34 -3.59 8.15
CA TRP A 134 18.86 -4.19 6.91
C TRP A 134 20.38 -4.01 6.77
N THR A 135 21.01 -4.79 5.90
CA THR A 135 22.39 -4.55 5.42
C THR A 135 22.27 -4.45 3.90
N ALA A 136 22.77 -3.37 3.33
CA ALA A 136 22.76 -3.13 1.87
C ALA A 136 24.16 -3.39 1.33
N VAL A 137 24.26 -4.14 0.25
CA VAL A 137 25.56 -4.57 -0.32
C VAL A 137 26.26 -3.37 -0.96
N ASP A 138 25.49 -2.34 -1.28
CA ASP A 138 25.77 -1.44 -2.41
C ASP A 138 25.52 -0.01 -1.99
N THR A 139 26.03 0.93 -2.77
CA THR A 139 25.68 2.38 -2.75
C THR A 139 24.17 2.54 -3.05
N ALA A 140 23.67 1.84 -4.06
CA ALA A 140 22.29 1.90 -4.59
C ALA A 140 21.32 1.30 -3.58
N ALA A 141 21.63 0.09 -3.10
CA ALA A 141 20.93 -0.63 -2.02
C ALA A 141 20.79 0.27 -0.78
N GLN A 142 21.80 1.11 -0.51
CA GLN A 142 21.82 2.02 0.66
C GLN A 142 20.65 3.01 0.60
N ILE A 143 20.26 3.44 -0.60
CA ILE A 143 19.00 4.21 -0.84
C ILE A 143 17.83 3.34 -0.39
N SER A 144 17.74 2.12 -0.90
CA SER A 144 16.61 1.19 -0.60
C SER A 144 16.67 0.77 0.87
N GLU A 145 17.86 0.75 1.48
CA GLU A 145 18.02 0.45 2.93
C GLU A 145 17.26 1.50 3.69
N GLN A 146 17.58 2.77 3.43
CA GLN A 146 16.96 3.98 4.03
C GLN A 146 15.43 3.83 3.95
N LYS A 147 14.88 3.64 2.74
CA LYS A 147 13.42 3.67 2.50
C LYS A 147 12.71 2.54 3.26
N SER A 148 13.37 1.39 3.48
CA SER A 148 12.79 0.16 4.10
C SER A 148 12.88 0.20 5.64
N ASN A 149 13.66 1.15 6.20
CA ASN A 149 13.84 1.33 7.68
C ASN A 149 12.70 2.23 8.21
N ASP A 150 12.52 3.39 7.58
CA ASP A 150 11.44 4.37 7.90
C ASP A 150 10.12 3.62 8.05
N ALA A 151 9.71 2.90 6.99
CA ALA A 151 8.39 2.23 6.89
C ALA A 151 8.32 0.97 7.76
N SER A 152 9.41 0.20 7.93
CA SER A 152 9.45 -1.06 8.74
C SER A 152 9.92 -0.77 10.17
N GLU A 153 9.78 0.48 10.63
CA GLU A 153 9.80 0.86 12.07
C GLU A 153 8.52 0.32 12.74
N ALA A 154 7.51 -0.01 11.93
CA ALA A 154 6.28 -0.75 12.31
C ALA A 154 6.57 -2.25 12.48
N GLU A 155 7.84 -2.65 12.36
CA GLU A 155 8.32 -4.04 12.56
C GLU A 155 7.42 -5.01 11.78
N HIS A 156 7.29 -4.82 10.47
CA HIS A 156 6.42 -5.66 9.59
C HIS A 156 7.04 -7.06 9.41
N GLN A 157 8.35 -7.15 9.27
CA GLN A 157 9.07 -8.43 9.04
C GLN A 157 8.97 -9.27 10.33
N ARG A 158 9.48 -8.73 11.44
CA ARG A 158 9.42 -9.40 12.77
C ARG A 158 7.99 -9.90 12.98
N ALA A 159 7.01 -9.03 12.81
CA ALA A 159 5.58 -9.36 12.90
C ALA A 159 5.28 -10.63 12.10
N TYR A 160 5.77 -10.72 10.87
CA TYR A 160 5.39 -11.82 9.95
C TYR A 160 6.18 -13.10 10.32
N LEU A 161 7.46 -13.15 9.92
CA LEU A 161 8.47 -14.15 10.32
C LEU A 161 8.17 -14.74 11.71
N GLU A 162 8.34 -14.01 12.81
CA GLU A 162 8.21 -14.57 14.19
C GLU A 162 6.78 -15.03 14.50
N ASP A 163 5.72 -14.41 13.95
CA ASP A 163 4.34 -14.61 14.45
C ASP A 163 3.43 -15.23 13.37
N THR A 164 3.24 -14.56 12.23
CA THR A 164 2.20 -14.92 11.22
C THR A 164 2.66 -16.18 10.47
N CYS A 165 3.92 -16.15 10.04
CA CYS A 165 4.65 -17.29 9.41
C CYS A 165 4.65 -18.57 10.27
N VAL A 166 4.91 -18.44 11.57
CA VAL A 166 4.87 -19.56 12.55
C VAL A 166 3.44 -20.11 12.61
N GLU A 167 2.47 -19.26 12.96
CA GLU A 167 1.05 -19.66 13.16
C GLU A 167 0.57 -20.51 11.97
N TRP A 168 1.02 -20.16 10.76
CA TRP A 168 0.48 -20.68 9.48
C TRP A 168 1.25 -21.94 9.09
N LEU A 169 2.55 -21.95 9.35
CA LEU A 169 3.34 -23.20 9.39
C LEU A 169 2.56 -24.23 10.22
N HIS A 170 2.31 -23.95 11.52
CA HIS A 170 1.64 -24.87 12.47
C HIS A 170 0.30 -25.32 11.86
N LYS A 171 -0.30 -24.51 11.00
CA LYS A 171 -1.64 -24.78 10.42
C LYS A 171 -1.48 -25.71 9.23
N TYR A 172 -0.52 -25.42 8.35
CA TYR A 172 -0.26 -26.23 7.14
C TYR A 172 0.20 -27.64 7.54
N LEU A 173 1.01 -27.73 8.59
CA LEU A 173 1.48 -29.03 9.14
C LEU A 173 0.26 -29.86 9.55
N GLU A 174 -0.73 -29.28 10.22
CA GLU A 174 -1.89 -30.06 10.74
C GLU A 174 -2.79 -30.48 9.56
N LYS A 175 -2.78 -29.72 8.46
CA LYS A 175 -3.67 -30.00 7.29
C LYS A 175 -3.04 -31.12 6.46
N GLY A 176 -1.73 -31.05 6.23
CA GLY A 176 -1.00 -31.98 5.36
C GLY A 176 -0.57 -33.28 6.04
N LYS A 177 -0.56 -33.31 7.39
CA LYS A 177 0.16 -34.29 8.25
C LYS A 177 0.19 -35.67 7.57
N GLU A 178 -0.95 -36.12 7.03
CA GLU A 178 -1.09 -37.36 6.23
C GLU A 178 0.19 -37.63 5.45
N THR A 179 0.67 -36.63 4.70
CA THR A 179 1.83 -36.68 3.77
C THR A 179 3.09 -36.09 4.42
N LEU A 180 2.94 -34.97 5.16
CA LEU A 180 4.08 -34.08 5.53
C LEU A 180 4.82 -34.63 6.75
N LEU A 181 4.10 -35.00 7.82
CA LEU A 181 4.71 -35.49 9.09
C LEU A 181 5.00 -36.99 9.00
N HIS A 182 4.71 -37.59 7.83
CA HIS A 182 5.06 -39.00 7.49
C HIS A 182 6.52 -39.08 7.06
N LEU A 183 7.34 -39.77 7.85
CA LEU A 183 8.80 -39.95 7.57
C LEU A 183 8.95 -41.17 6.66
N GLU A 184 9.36 -40.95 5.39
CA GLU A 184 9.47 -42.00 4.35
C GLU A 184 10.92 -42.42 4.25
N PRO A 185 11.26 -43.62 4.78
CA PRO A 185 12.65 -44.06 4.82
C PRO A 185 13.02 -44.50 3.40
N PRO A 186 14.29 -44.30 3.00
CA PRO A 186 14.73 -44.68 1.67
C PRO A 186 14.77 -46.21 1.48
N LYS A 187 14.29 -46.64 0.31
CA LYS A 187 14.57 -47.95 -0.31
C LYS A 187 15.99 -47.88 -0.88
N THR A 188 16.87 -48.73 -0.36
CA THR A 188 18.35 -48.61 -0.43
C THR A 188 18.92 -49.96 -0.89
N HIS A 189 19.79 -49.94 -1.89
CA HIS A 189 20.45 -51.12 -2.52
C HIS A 189 21.78 -50.71 -3.17
N VAL A 190 22.68 -51.68 -3.42
CA VAL A 190 24.03 -51.44 -4.02
C VAL A 190 24.07 -52.05 -5.43
N THR A 191 24.73 -51.36 -6.37
CA THR A 191 24.90 -51.82 -7.77
C THR A 191 26.40 -51.86 -8.09
N HIS A 192 26.81 -52.84 -8.89
CA HIS A 192 28.22 -53.13 -9.28
C HIS A 192 28.35 -52.97 -10.79
N HIS A 193 29.36 -52.22 -11.25
CA HIS A 193 29.55 -51.84 -12.68
C HIS A 193 31.02 -52.03 -13.06
N PRO A 194 31.43 -53.25 -13.48
CA PRO A 194 32.85 -53.51 -13.76
C PRO A 194 33.38 -52.50 -14.78
N ILE A 195 34.64 -52.07 -14.65
CA ILE A 195 35.32 -51.09 -15.54
C ILE A 195 36.32 -51.88 -16.40
N SER A 196 37.42 -52.31 -15.76
CA SER A 196 38.39 -53.30 -16.27
C SER A 196 38.21 -54.58 -15.46
N ASP A 197 39.10 -55.55 -15.62
CA ASP A 197 39.21 -56.71 -14.70
C ASP A 197 39.85 -56.22 -13.40
N HIS A 198 40.56 -55.08 -13.47
CA HIS A 198 41.26 -54.42 -12.33
C HIS A 198 40.29 -53.73 -11.36
N GLU A 199 39.15 -53.20 -11.84
CA GLU A 199 38.30 -52.32 -10.99
C GLU A 199 36.86 -52.29 -11.50
N ALA A 200 35.93 -52.25 -10.54
CA ALA A 200 34.49 -51.98 -10.71
C ALA A 200 34.14 -50.66 -10.01
N THR A 201 32.92 -50.17 -10.22
CA THR A 201 32.30 -49.06 -9.45
C THR A 201 31.22 -49.64 -8.54
N LEU A 202 31.28 -49.35 -7.24
CA LEU A 202 30.15 -49.57 -6.30
C LEU A 202 29.33 -48.27 -6.22
N ARG A 203 28.01 -48.37 -6.38
CA ARG A 203 27.03 -47.27 -6.30
C ARG A 203 25.98 -47.64 -5.24
N CYS A 204 25.98 -46.91 -4.12
CA CYS A 204 24.97 -46.97 -3.03
C CYS A 204 23.77 -46.06 -3.34
N TRP A 205 22.58 -46.64 -3.58
CA TRP A 205 21.34 -45.91 -3.91
C TRP A 205 20.49 -45.74 -2.65
N ALA A 206 20.02 -44.50 -2.42
CA ALA A 206 18.79 -44.18 -1.64
C ALA A 206 17.69 -43.69 -2.60
N LEU A 207 16.49 -44.25 -2.50
CA LEU A 207 15.39 -43.97 -3.44
C LEU A 207 14.08 -43.80 -2.66
N GLY A 208 13.23 -42.87 -3.13
CA GLY A 208 11.82 -42.65 -2.73
C GLY A 208 11.69 -42.23 -1.27
N PHE A 209 12.55 -41.35 -0.77
CA PHE A 209 12.55 -40.88 0.64
C PHE A 209 12.07 -39.41 0.79
N TYR A 210 11.53 -39.08 1.98
CA TYR A 210 11.09 -37.74 2.45
C TYR A 210 11.21 -37.70 3.97
N PRO A 211 11.69 -36.61 4.64
CA PRO A 211 12.22 -35.39 3.99
C PRO A 211 13.51 -35.62 3.19
N ALA A 212 14.20 -34.56 2.76
CA ALA A 212 15.33 -34.64 1.82
C ALA A 212 16.71 -34.63 2.51
N GLU A 213 16.76 -34.58 3.85
CA GLU A 213 18.04 -34.58 4.62
C GLU A 213 18.51 -36.04 4.78
N ILE A 214 19.64 -36.38 4.15
CA ILE A 214 20.18 -37.77 4.12
C ILE A 214 21.70 -37.70 4.20
N THR A 215 22.33 -38.74 4.69
CA THR A 215 23.81 -38.86 4.63
C THR A 215 24.15 -40.23 4.03
N LEU A 216 24.84 -40.22 2.90
CA LEU A 216 25.46 -41.42 2.26
C LEU A 216 26.97 -41.33 2.43
N THR A 217 27.52 -42.21 3.26
CA THR A 217 28.97 -42.38 3.50
C THR A 217 29.37 -43.82 3.12
N TRP A 218 30.53 -43.99 2.46
CA TRP A 218 31.22 -45.29 2.16
C TRP A 218 32.40 -45.48 3.11
N GLN A 219 32.62 -46.68 3.66
CA GLN A 219 33.87 -46.96 4.42
C GLN A 219 34.46 -48.33 4.07
N GLN A 220 35.73 -48.53 4.43
CA GLN A 220 36.53 -49.73 4.08
C GLN A 220 37.13 -50.34 5.33
N ASP A 221 36.81 -51.62 5.55
CA ASP A 221 37.31 -52.50 6.64
C ASP A 221 38.82 -52.34 6.84
N GLY A 222 39.60 -52.41 5.75
CA GLY A 222 41.05 -52.60 5.79
C GLY A 222 41.82 -51.35 6.15
N GLU A 223 43.15 -51.40 5.96
CA GLU A 223 44.09 -50.26 6.06
C GLU A 223 44.32 -49.66 4.66
N GLY A 224 43.76 -50.29 3.62
CA GLY A 224 43.92 -49.85 2.22
C GLY A 224 43.49 -48.41 1.99
N HIS A 225 44.10 -47.75 1.00
CA HIS A 225 43.58 -46.53 0.31
C HIS A 225 42.10 -46.71 -0.03
N THR A 226 41.38 -45.58 -0.19
CA THR A 226 39.95 -45.54 -0.57
C THR A 226 39.71 -44.37 -1.53
N GLN A 227 39.47 -44.66 -2.82
CA GLN A 227 39.27 -43.61 -3.86
C GLN A 227 38.09 -42.70 -3.47
N ASP A 228 38.21 -41.40 -3.77
CA ASP A 228 37.20 -40.32 -3.53
C ASP A 228 35.81 -40.84 -3.86
N THR A 229 34.81 -40.62 -2.98
CA THR A 229 33.39 -40.93 -3.22
C THR A 229 32.81 -39.85 -4.15
N GLU A 230 31.98 -40.24 -5.10
CA GLU A 230 31.25 -39.32 -6.00
C GLU A 230 29.80 -39.28 -5.52
N LEU A 231 29.47 -38.21 -4.80
CA LEU A 231 28.12 -37.91 -4.28
C LEU A 231 27.40 -37.07 -5.33
N VAL A 232 26.25 -37.55 -5.80
CA VAL A 232 25.37 -36.84 -6.75
C VAL A 232 24.39 -36.01 -5.90
N GLU A 233 24.01 -34.79 -6.31
CA GLU A 233 23.19 -33.90 -5.45
C GLU A 233 21.75 -34.42 -5.41
N THR A 234 21.12 -34.36 -4.23
CA THR A 234 19.78 -34.96 -3.97
C THR A 234 18.87 -34.49 -5.09
N ARG A 235 17.87 -35.25 -5.52
CA ARG A 235 17.13 -34.93 -6.77
C ARG A 235 15.69 -35.41 -6.69
N PRO A 236 14.72 -34.60 -7.14
CA PRO A 236 13.31 -34.95 -6.99
C PRO A 236 12.95 -36.11 -7.92
N ALA A 237 12.34 -37.14 -7.37
CA ALA A 237 11.69 -38.24 -8.13
C ALA A 237 10.68 -37.64 -9.11
N GLY A 238 10.04 -36.54 -8.71
CA GLY A 238 8.87 -35.96 -9.40
C GLY A 238 7.55 -36.53 -8.86
N ASP A 239 7.54 -37.04 -7.63
CA ASP A 239 6.33 -37.65 -7.02
C ASP A 239 6.32 -37.39 -5.51
N GLY A 240 7.12 -36.42 -5.04
CA GLY A 240 7.15 -36.00 -3.62
C GLY A 240 8.49 -36.31 -3.00
N THR A 241 9.04 -37.46 -3.37
CA THR A 241 10.20 -38.13 -2.71
C THR A 241 11.52 -37.71 -3.37
N PHE A 242 12.64 -37.90 -2.68
CA PHE A 242 13.99 -37.60 -3.23
C PHE A 242 14.80 -38.89 -3.44
N GLN A 243 15.80 -38.77 -4.32
CA GLN A 243 16.79 -39.82 -4.68
C GLN A 243 18.19 -39.29 -4.39
N LYS A 244 19.12 -40.16 -3.98
CA LYS A 244 20.55 -39.83 -3.89
C LYS A 244 21.38 -41.10 -4.14
N TRP A 245 22.61 -40.92 -4.59
CA TRP A 245 23.58 -42.03 -4.68
C TRP A 245 25.01 -41.56 -4.43
N ALA A 246 25.83 -42.46 -3.88
CA ALA A 246 27.30 -42.30 -3.73
C ALA A 246 27.99 -43.48 -4.41
N ALA A 247 29.16 -43.24 -5.00
CA ALA A 247 29.91 -44.22 -5.82
C ALA A 247 31.41 -44.13 -5.53
N VAL A 248 32.05 -45.29 -5.34
CA VAL A 248 33.53 -45.46 -5.37
C VAL A 248 33.88 -46.36 -6.55
N VAL A 249 35.09 -46.18 -7.06
CA VAL A 249 35.81 -47.24 -7.83
C VAL A 249 36.73 -47.99 -6.85
N VAL A 250 36.52 -49.30 -6.74
CA VAL A 250 37.29 -50.21 -5.84
C VAL A 250 38.11 -51.16 -6.71
N PRO A 251 39.35 -51.52 -6.30
CA PRO A 251 40.03 -52.66 -6.91
C PRO A 251 39.17 -53.95 -6.90
N SER A 252 39.11 -54.65 -8.03
CA SER A 252 38.41 -55.95 -8.24
C SER A 252 38.95 -56.98 -7.25
N GLY A 253 38.04 -57.71 -6.60
CA GLY A 253 38.32 -58.60 -5.45
C GLY A 253 37.89 -57.98 -4.13
N GLU A 254 38.15 -56.70 -3.95
CA GLU A 254 38.06 -55.99 -2.64
C GLU A 254 36.62 -55.52 -2.34
N GLU A 255 35.66 -55.74 -3.26
CA GLU A 255 34.29 -55.12 -3.22
C GLU A 255 33.52 -55.46 -1.94
N GLN A 256 33.82 -56.55 -1.23
CA GLN A 256 33.07 -56.97 -0.02
C GLN A 256 33.63 -56.28 1.24
N ARG A 257 34.69 -55.47 1.12
CA ARG A 257 35.25 -54.68 2.26
C ARG A 257 34.58 -53.29 2.28
N TYR A 258 33.77 -52.99 1.26
CA TYR A 258 33.03 -51.73 1.08
C TYR A 258 31.62 -51.88 1.65
N THR A 259 31.42 -51.15 2.76
CA THR A 259 30.16 -50.97 3.52
C THR A 259 29.67 -49.52 3.34
N CYS A 260 28.38 -49.34 3.00
CA CYS A 260 27.68 -48.04 2.75
C CYS A 260 26.64 -47.77 3.84
N HIS A 261 26.85 -46.72 4.67
CA HIS A 261 25.92 -46.29 5.76
C HIS A 261 24.99 -45.17 5.27
N VAL A 262 23.74 -45.22 5.71
CA VAL A 262 22.65 -44.28 5.33
C VAL A 262 21.98 -43.75 6.60
N GLN A 263 22.04 -42.43 6.81
CA GLN A 263 21.39 -41.72 7.95
C GLN A 263 20.19 -40.94 7.39
N HIS A 264 19.05 -41.06 8.06
CA HIS A 264 17.74 -40.49 7.66
C HIS A 264 16.76 -40.73 8.80
N GLU A 265 15.86 -39.78 9.05
CA GLU A 265 14.99 -39.76 10.27
C GLU A 265 13.90 -40.84 10.15
N GLY A 266 13.52 -41.16 8.90
CA GLY A 266 12.63 -42.29 8.58
C GLY A 266 13.25 -43.61 8.97
N LEU A 267 14.57 -43.66 9.20
CA LEU A 267 15.28 -44.91 9.62
C LEU A 267 15.41 -44.94 11.14
N PRO A 268 14.77 -45.96 11.78
CA PRO A 268 14.89 -46.20 13.21
C PRO A 268 16.35 -45.99 13.64
N GLU A 269 17.27 -46.79 13.09
CA GLU A 269 18.74 -46.65 13.25
C GLU A 269 19.41 -46.67 11.87
N PRO A 270 20.62 -46.09 11.72
CA PRO A 270 21.32 -46.06 10.44
C PRO A 270 21.49 -47.45 9.82
N VAL A 271 21.13 -47.62 8.54
CA VAL A 271 21.32 -48.91 7.83
C VAL A 271 22.74 -48.93 7.25
N THR A 272 23.30 -50.14 7.17
CA THR A 272 24.61 -50.50 6.58
C THR A 272 24.34 -51.55 5.50
N LEU A 273 25.03 -51.44 4.38
CA LEU A 273 24.63 -52.11 3.11
C LEU A 273 25.90 -52.50 2.34
N ARG A 274 26.02 -53.78 2.00
CA ARG A 274 27.21 -54.34 1.29
C ARG A 274 26.73 -54.89 -0.05
N TRP A 275 27.55 -54.84 -1.10
CA TRP A 275 27.17 -55.48 -2.39
C TRP A 275 27.05 -56.99 -2.18
N LYS A 276 25.97 -57.62 -2.66
CA LYS A 276 25.86 -59.11 -2.68
C LYS A 276 25.29 -59.56 -4.02
N PRO A 277 26.11 -60.27 -4.84
CA PRO A 277 25.76 -60.59 -6.23
C PRO A 277 24.62 -61.60 -6.37
N MET B 1 26.36 -8.24 -12.84
CA MET B 1 25.42 -9.33 -13.09
C MET B 1 26.16 -10.66 -12.94
N ILE B 2 25.44 -11.66 -12.44
CA ILE B 2 25.89 -13.07 -12.31
C ILE B 2 25.28 -13.86 -13.45
N GLN B 3 26.09 -14.65 -14.14
CA GLN B 3 25.62 -15.77 -15.00
C GLN B 3 26.28 -17.06 -14.50
N ARG B 4 25.47 -18.04 -14.09
CA ARG B 4 25.93 -19.36 -13.61
C ARG B 4 25.44 -20.43 -14.58
N THR B 5 26.36 -21.22 -15.16
CA THR B 5 26.09 -22.39 -16.05
C THR B 5 25.22 -23.41 -15.34
N PRO B 6 24.11 -23.88 -15.94
CA PRO B 6 23.26 -24.91 -15.32
C PRO B 6 23.95 -26.28 -15.15
N LYS B 7 23.42 -27.08 -14.21
CA LYS B 7 23.86 -28.44 -13.86
C LYS B 7 22.69 -29.38 -14.17
N ILE B 8 22.97 -30.43 -14.93
CA ILE B 8 21.94 -31.35 -15.51
C ILE B 8 22.07 -32.73 -14.86
N GLN B 9 20.96 -33.46 -14.79
CA GLN B 9 20.85 -34.82 -14.20
C GLN B 9 19.67 -35.51 -14.89
N VAL B 10 19.92 -36.33 -15.92
CA VAL B 10 18.85 -37.16 -16.56
C VAL B 10 18.70 -38.40 -15.70
N TYR B 11 17.49 -38.94 -15.56
CA TYR B 11 17.23 -40.10 -14.67
C TYR B 11 15.75 -40.46 -14.73
N SER B 12 15.31 -41.29 -13.77
CA SER B 12 14.09 -42.13 -13.84
C SER B 12 13.45 -42.14 -12.47
N ARG B 13 12.12 -42.07 -12.38
CA ARG B 13 11.46 -42.07 -11.05
C ARG B 13 11.79 -43.42 -10.43
N HIS B 14 11.58 -44.46 -11.22
CA HIS B 14 11.73 -45.88 -10.83
C HIS B 14 12.94 -46.48 -11.53
N PRO B 15 13.64 -47.43 -10.86
CA PRO B 15 14.51 -48.41 -11.53
C PRO B 15 13.96 -48.91 -12.87
N ALA B 16 14.70 -48.69 -13.95
CA ALA B 16 14.28 -48.97 -15.34
C ALA B 16 14.20 -50.49 -15.58
N GLU B 17 13.14 -50.91 -16.28
CA GLU B 17 12.80 -52.31 -16.60
C GLU B 17 12.16 -52.31 -17.99
N ASN B 18 12.88 -52.76 -19.01
CA ASN B 18 12.43 -52.72 -20.42
C ASN B 18 10.94 -53.11 -20.46
N GLY B 19 10.08 -52.25 -21.03
CA GLY B 19 8.66 -52.55 -21.32
C GLY B 19 7.70 -51.95 -20.29
N LYS B 20 8.20 -51.46 -19.15
CA LYS B 20 7.35 -51.03 -18.00
C LYS B 20 7.38 -49.50 -17.81
N SER B 21 6.20 -48.90 -18.04
CA SER B 21 5.66 -47.62 -17.49
C SER B 21 6.62 -46.95 -16.51
N ASN B 22 7.18 -45.80 -16.88
CA ASN B 22 8.12 -45.05 -16.01
C ASN B 22 8.07 -43.56 -16.39
N PHE B 23 8.84 -42.73 -15.68
CA PHE B 23 8.94 -41.26 -15.85
C PHE B 23 10.42 -40.87 -16.01
N LEU B 24 10.75 -40.29 -17.16
CA LEU B 24 12.08 -39.72 -17.50
C LEU B 24 12.17 -38.30 -16.91
N ASN B 25 13.23 -37.99 -16.17
CA ASN B 25 13.44 -36.68 -15.49
C ASN B 25 14.70 -35.99 -16.03
N CYS B 26 14.66 -34.66 -16.11
CA CYS B 26 15.83 -33.75 -16.32
C CYS B 26 15.80 -32.66 -15.24
N TYR B 27 16.86 -32.57 -14.43
CA TYR B 27 16.96 -31.68 -13.26
C TYR B 27 18.10 -30.70 -13.49
N VAL B 28 17.77 -29.63 -14.24
CA VAL B 28 18.52 -28.35 -14.42
C VAL B 28 18.47 -27.56 -13.11
N SER B 29 19.63 -27.17 -12.59
CA SER B 29 19.79 -26.47 -11.30
C SER B 29 21.05 -25.60 -11.35
N GLY B 30 21.23 -24.71 -10.37
CA GLY B 30 22.42 -23.85 -10.24
C GLY B 30 22.51 -22.76 -11.30
N PHE B 31 21.48 -22.52 -12.13
CA PHE B 31 21.60 -21.55 -13.27
C PHE B 31 20.99 -20.16 -12.95
N HIS B 32 21.30 -19.21 -13.84
CA HIS B 32 21.00 -17.77 -13.68
C HIS B 32 21.48 -16.97 -14.89
N PRO B 33 20.60 -16.26 -15.62
CA PRO B 33 19.19 -16.14 -15.26
C PRO B 33 18.23 -17.31 -15.60
N SER B 34 17.04 -17.30 -14.98
CA SER B 34 15.77 -17.97 -15.32
C SER B 34 15.69 -18.44 -16.79
N ASP B 35 16.13 -17.62 -17.75
CA ASP B 35 15.86 -17.87 -19.19
C ASP B 35 16.58 -19.16 -19.63
N ILE B 36 15.84 -20.25 -19.85
CA ILE B 36 16.43 -21.58 -20.17
C ILE B 36 15.55 -22.36 -21.16
N GLU B 37 16.17 -23.09 -22.09
CA GLU B 37 15.49 -24.06 -22.99
C GLU B 37 15.82 -25.50 -22.54
N VAL B 38 14.82 -26.37 -22.53
CA VAL B 38 14.98 -27.79 -22.17
C VAL B 38 14.07 -28.65 -23.06
N ASP B 39 14.68 -29.58 -23.79
CA ASP B 39 13.97 -30.69 -24.50
C ASP B 39 14.46 -32.02 -23.95
N LEU B 40 13.54 -32.96 -23.76
CA LEU B 40 13.85 -34.40 -23.67
C LEU B 40 13.85 -34.96 -25.09
N LEU B 41 14.91 -35.67 -25.44
CA LEU B 41 15.07 -36.34 -26.76
C LEU B 41 14.73 -37.83 -26.66
N LYS B 42 14.04 -38.36 -27.68
CA LYS B 42 13.90 -39.81 -27.98
C LYS B 42 14.59 -40.11 -29.32
N ASN B 43 15.85 -40.54 -29.25
CA ASN B 43 16.68 -40.97 -30.42
C ASN B 43 17.02 -39.71 -31.24
N GLY B 44 17.33 -38.61 -30.55
CA GLY B 44 17.81 -37.35 -31.15
C GLY B 44 16.68 -36.45 -31.65
N GLU B 45 15.42 -36.84 -31.43
CA GLU B 45 14.21 -36.11 -31.90
C GLU B 45 13.40 -35.67 -30.68
N ARG B 46 12.90 -34.43 -30.69
CA ARG B 46 12.17 -33.77 -29.57
C ARG B 46 10.94 -34.62 -29.16
N ILE B 47 10.76 -34.86 -27.86
CA ILE B 47 9.48 -35.32 -27.27
C ILE B 47 8.55 -34.10 -27.14
N GLU B 48 7.30 -34.24 -27.62
CA GLU B 48 6.33 -33.11 -27.81
C GLU B 48 5.19 -33.25 -26.80
N LYS B 49 5.48 -33.49 -25.52
CA LYS B 49 4.46 -33.43 -24.43
C LYS B 49 5.16 -33.53 -23.08
N VAL B 50 6.08 -32.62 -22.82
CA VAL B 50 6.91 -32.58 -21.58
C VAL B 50 6.32 -31.54 -20.61
N GLU B 51 6.00 -31.94 -19.38
CA GLU B 51 5.62 -31.04 -18.25
C GLU B 51 6.90 -30.52 -17.58
N HIS B 52 6.77 -29.64 -16.56
CA HIS B 52 7.91 -29.07 -15.77
C HIS B 52 7.39 -28.44 -14.47
N SER B 53 8.29 -28.20 -13.52
CA SER B 53 7.98 -27.67 -12.17
C SER B 53 7.88 -26.13 -12.23
N ASP B 54 7.25 -25.51 -11.23
CA ASP B 54 7.11 -24.04 -11.10
C ASP B 54 8.47 -23.42 -10.75
N LEU B 55 8.89 -22.37 -11.46
CA LEU B 55 10.26 -21.83 -11.29
C LEU B 55 10.52 -21.54 -9.81
N SER B 56 11.61 -22.03 -9.25
CA SER B 56 11.99 -21.81 -7.82
C SER B 56 13.49 -21.52 -7.73
N PHE B 57 14.07 -21.42 -6.53
CA PHE B 57 15.52 -21.13 -6.35
C PHE B 57 15.95 -21.44 -4.91
N SER B 58 17.20 -21.14 -4.56
CA SER B 58 17.84 -21.55 -3.27
C SER B 58 18.69 -20.42 -2.66
N LYS B 59 19.23 -20.65 -1.46
CA LYS B 59 20.20 -19.77 -0.76
C LYS B 59 20.93 -18.84 -1.73
N ASP B 60 21.50 -19.39 -2.80
CA ASP B 60 22.53 -18.73 -3.64
C ASP B 60 21.87 -17.99 -4.83
N TRP B 61 20.54 -18.10 -4.90
CA TRP B 61 19.66 -17.37 -5.84
C TRP B 61 19.64 -18.07 -7.19
N SER B 62 20.39 -19.17 -7.33
CA SER B 62 20.42 -20.00 -8.56
C SER B 62 19.06 -20.71 -8.66
N PHE B 63 18.55 -20.85 -9.88
CA PHE B 63 17.20 -21.42 -10.17
C PHE B 63 17.31 -22.95 -10.33
N TYR B 64 16.18 -23.66 -10.16
CA TYR B 64 16.09 -25.11 -10.43
C TYR B 64 14.72 -25.45 -10.98
N LEU B 65 14.71 -26.31 -12.00
CA LEU B 65 13.49 -26.81 -12.68
C LEU B 65 13.59 -28.33 -12.85
N LEU B 66 12.45 -29.02 -12.80
CA LEU B 66 12.36 -30.45 -13.15
C LEU B 66 11.47 -30.62 -14.37
N TYR B 67 12.05 -30.84 -15.56
CA TYR B 67 11.33 -31.27 -16.78
C TYR B 67 11.14 -32.80 -16.71
N TYR B 68 10.02 -33.32 -17.18
CA TYR B 68 9.68 -34.76 -17.07
C TYR B 68 8.56 -35.15 -18.05
N THR B 69 8.60 -36.40 -18.51
CA THR B 69 7.54 -37.07 -19.32
C THR B 69 7.46 -38.52 -18.87
N GLU B 70 6.27 -39.11 -18.93
CA GLU B 70 6.12 -40.59 -18.87
C GLU B 70 6.74 -41.14 -20.15
N PHE B 71 7.55 -42.20 -20.01
CA PHE B 71 8.10 -43.01 -21.12
C PHE B 71 8.03 -44.49 -20.76
N THR B 72 8.35 -45.33 -21.74
CA THR B 72 8.51 -46.81 -21.64
C THR B 72 9.91 -47.14 -22.14
N PRO B 73 10.87 -47.39 -21.22
CA PRO B 73 12.26 -47.60 -21.63
C PRO B 73 12.37 -49.02 -22.22
N THR B 74 13.24 -49.17 -23.21
CA THR B 74 13.46 -50.43 -23.96
C THR B 74 14.95 -50.70 -23.98
N GLU B 75 15.39 -51.70 -24.76
CA GLU B 75 16.82 -52.07 -24.91
C GLU B 75 17.54 -50.94 -25.65
N LYS B 76 17.11 -50.63 -26.88
CA LYS B 76 17.89 -49.86 -27.88
C LYS B 76 17.43 -48.38 -27.96
N ASP B 77 16.33 -48.00 -27.28
CA ASP B 77 15.76 -46.62 -27.33
C ASP B 77 16.64 -45.71 -26.49
N GLU B 78 17.21 -44.67 -27.11
CA GLU B 78 18.12 -43.67 -26.49
C GLU B 78 17.34 -42.40 -26.10
N TYR B 79 17.38 -42.04 -24.81
CA TYR B 79 16.80 -40.81 -24.25
C TYR B 79 17.94 -39.93 -23.73
N ALA B 80 17.83 -38.61 -23.96
CA ALA B 80 18.76 -37.60 -23.42
C ALA B 80 17.99 -36.33 -23.07
N CYS B 81 18.71 -35.31 -22.59
CA CYS B 81 18.21 -33.95 -22.24
C CYS B 81 19.09 -32.90 -22.95
N ARG B 82 18.47 -32.08 -23.79
CA ARG B 82 19.15 -30.97 -24.47
C ARG B 82 18.75 -29.68 -23.74
N VAL B 83 19.72 -29.01 -23.14
CA VAL B 83 19.56 -27.77 -22.35
C VAL B 83 20.33 -26.68 -23.06
N ASN B 84 19.72 -25.49 -23.24
CA ASN B 84 20.44 -24.28 -23.71
C ASN B 84 20.12 -23.10 -22.78
N HIS B 85 21.09 -22.21 -22.67
CA HIS B 85 21.14 -21.08 -21.70
C HIS B 85 22.21 -20.14 -22.22
N VAL B 86 22.04 -18.85 -21.95
CA VAL B 86 22.93 -17.76 -22.47
C VAL B 86 24.39 -18.17 -22.18
N THR B 87 24.56 -18.92 -21.09
CA THR B 87 25.84 -19.33 -20.45
C THR B 87 26.50 -20.49 -21.23
N LEU B 88 25.69 -21.28 -21.95
CA LEU B 88 26.18 -22.43 -22.77
C LEU B 88 26.42 -21.96 -24.22
N SER B 89 27.67 -22.15 -24.67
CA SER B 89 28.21 -21.81 -26.02
C SER B 89 27.45 -22.57 -27.11
N GLN B 90 26.84 -23.69 -26.76
CA GLN B 90 25.97 -24.49 -27.66
C GLN B 90 25.14 -25.44 -26.81
N PRO B 91 23.96 -25.91 -27.28
CA PRO B 91 23.11 -26.76 -26.46
C PRO B 91 23.90 -27.97 -25.92
N LYS B 92 23.89 -28.14 -24.60
CA LYS B 92 24.47 -29.31 -23.88
C LYS B 92 23.47 -30.46 -23.93
N ILE B 93 23.88 -31.60 -24.49
CA ILE B 93 23.08 -32.88 -24.49
C ILE B 93 23.67 -33.79 -23.42
N VAL B 94 22.84 -34.31 -22.51
CA VAL B 94 23.25 -35.33 -21.49
C VAL B 94 22.40 -36.59 -21.69
N LYS B 95 23.03 -37.73 -22.03
CA LYS B 95 22.35 -39.03 -22.33
C LYS B 95 21.84 -39.65 -21.03
N TRP B 96 20.64 -40.22 -21.05
CA TRP B 96 20.08 -41.00 -19.91
C TRP B 96 20.78 -42.37 -19.83
N ASP B 97 21.08 -42.78 -18.60
CA ASP B 97 21.84 -44.00 -18.25
C ASP B 97 21.17 -44.61 -17.01
N ARG B 98 20.33 -45.62 -17.20
CA ARG B 98 19.49 -46.22 -16.13
C ARG B 98 20.32 -46.52 -14.86
N ASP B 99 21.65 -46.45 -14.90
CA ASP B 99 22.52 -46.80 -13.75
C ASP B 99 23.06 -45.55 -13.06
N MET B 100 22.54 -44.36 -13.40
CA MET B 100 23.00 -43.07 -12.82
C MET B 100 21.81 -42.14 -12.64
N ARG C 1 0.82 -18.39 4.48
CA ARG C 1 0.45 -17.23 3.63
C ARG C 1 1.68 -16.36 3.36
N MET C 2 1.76 -15.73 2.19
CA MET C 2 2.80 -14.74 1.85
C MET C 2 2.41 -13.37 2.43
N TYR C 3 3.23 -12.36 2.18
CA TYR C 3 2.88 -10.95 2.49
C TYR C 3 3.43 -10.03 1.40
N SER C 4 2.56 -9.14 0.89
CA SER C 4 2.85 -8.04 -0.07
C SER C 4 3.74 -7.00 0.60
N PRO C 5 4.63 -6.29 -0.12
CA PRO C 5 5.45 -5.25 0.49
C PRO C 5 4.62 -4.01 0.86
N VAL C 6 5.06 -3.30 1.91
CA VAL C 6 4.45 -2.04 2.44
C VAL C 6 5.26 -0.85 1.95
N SER C 7 6.60 -0.92 1.92
CA SER C 7 7.50 0.09 1.32
C SER C 7 7.80 -0.29 -0.15
N ILE C 8 8.68 0.45 -0.83
CA ILE C 8 9.31 0.02 -2.11
C ILE C 8 10.85 0.13 -2.01
N LEU C 9 11.54 -0.07 -3.14
CA LEU C 9 13.01 -0.03 -3.17
C LEU C 9 13.39 1.26 -3.88
N LYS D 4 -10.69 -1.03 19.13
CA LYS D 4 -11.09 0.26 18.48
C LYS D 4 -10.92 1.43 19.47
N THR D 5 -10.73 2.66 18.95
CA THR D 5 -10.01 3.78 19.62
C THR D 5 -10.86 5.06 19.71
N THR D 6 -10.80 5.73 20.87
CA THR D 6 -11.40 7.06 21.16
C THR D 6 -10.29 8.09 21.35
N GLN D 7 -10.53 9.35 20.97
CA GLN D 7 -9.61 10.49 21.26
C GLN D 7 -10.47 11.66 21.76
N PRO D 8 -10.00 12.91 21.62
CA PRO D 8 -10.77 14.02 22.13
C PRO D 8 -11.58 14.52 20.93
N ILE D 9 -12.81 15.00 21.15
CA ILE D 9 -13.67 15.48 20.02
C ILE D 9 -13.06 16.80 19.50
N SER D 10 -12.49 17.62 20.40
CA SER D 10 -11.74 18.86 20.05
C SER D 10 -10.66 19.16 21.10
N MET D 11 -9.72 20.05 20.73
CA MET D 11 -8.58 20.49 21.58
C MET D 11 -8.21 21.93 21.20
N ASP D 12 -7.75 22.73 22.17
CA ASP D 12 -7.56 24.20 22.05
C ASP D 12 -6.12 24.60 22.36
N SER D 13 -5.49 25.31 21.41
CA SER D 13 -4.05 25.64 21.38
C SER D 13 -3.86 27.13 21.09
N TYR D 14 -2.69 27.66 21.46
CA TYR D 14 -2.18 28.99 21.04
C TYR D 14 -0.92 28.78 20.20
N GLU D 15 -0.72 29.65 19.22
CA GLU D 15 0.44 29.66 18.29
C GLU D 15 1.75 29.54 19.06
N GLY D 16 2.78 28.97 18.43
CA GLY D 16 4.15 28.84 18.98
C GLY D 16 4.28 27.77 20.06
N GLN D 17 3.18 27.10 20.43
CA GLN D 17 3.10 26.10 21.52
C GLN D 17 3.37 24.69 20.96
N GLU D 18 3.38 23.71 21.86
CA GLU D 18 3.48 22.25 21.61
C GLU D 18 2.14 21.63 22.05
N VAL D 19 1.56 20.75 21.24
CA VAL D 19 0.17 20.23 21.46
C VAL D 19 0.20 18.70 21.53
N ASN D 20 -0.57 18.12 22.46
CA ASN D 20 -0.51 16.69 22.82
C ASN D 20 -1.91 16.07 22.80
N ILE D 21 -2.24 15.45 21.67
CA ILE D 21 -3.50 14.65 21.49
C ILE D 21 -3.14 13.20 21.86
N THR D 22 -4.00 12.52 22.62
CA THR D 22 -3.77 11.13 23.07
C THR D 22 -4.96 10.25 22.65
N CYS D 23 -4.67 9.31 21.76
CA CYS D 23 -5.52 8.17 21.35
C CYS D 23 -5.61 7.16 22.49
N SER D 24 -6.69 6.38 22.52
CA SER D 24 -7.04 5.41 23.59
C SER D 24 -7.37 4.08 22.91
N HIS D 25 -6.46 3.10 22.98
CA HIS D 25 -6.56 1.77 22.30
C HIS D 25 -6.20 0.65 23.27
N ASN D 26 -7.11 0.35 24.20
CA ASN D 26 -6.93 -0.59 25.34
C ASN D 26 -6.80 -2.03 24.83
N ASN D 27 -7.55 -2.37 23.77
CA ASN D 27 -7.68 -3.75 23.22
C ASN D 27 -6.88 -3.89 21.92
N ILE D 28 -5.97 -2.95 21.64
CA ILE D 28 -5.03 -2.97 20.46
C ILE D 28 -4.40 -4.36 20.38
N ALA D 29 -4.34 -4.96 19.18
CA ALA D 29 -3.66 -6.26 18.93
C ALA D 29 -2.16 -6.12 19.14
N THR D 30 -1.51 -7.25 19.33
CA THR D 30 -0.07 -7.36 19.68
C THR D 30 0.78 -6.83 18.52
N ASN D 31 0.30 -6.97 17.28
CA ASN D 31 1.05 -6.50 16.11
C ASN D 31 0.41 -5.30 15.42
N ASP D 32 -0.82 -4.90 15.79
CA ASP D 32 -1.43 -3.60 15.37
C ASP D 32 -0.43 -2.47 15.68
N TYR D 33 -0.31 -1.48 14.78
CA TYR D 33 0.49 -0.23 14.96
C TYR D 33 -0.39 1.02 14.78
N ILE D 34 0.14 2.17 15.20
CA ILE D 34 -0.63 3.44 15.37
C ILE D 34 -0.12 4.46 14.37
N THR D 35 -1.05 4.96 13.55
CA THR D 35 -0.81 5.78 12.35
C THR D 35 -1.86 6.90 12.33
N TRP D 36 -1.37 8.15 12.23
CA TRP D 36 -2.11 9.43 12.43
C TRP D 36 -2.23 10.18 11.10
N TYR D 37 -3.42 10.65 10.78
CA TYR D 37 -3.69 11.54 9.60
C TYR D 37 -4.01 12.97 10.06
N GLN D 38 -3.86 13.91 9.14
CA GLN D 38 -4.07 15.38 9.30
C GLN D 38 -4.90 15.91 8.13
N GLN D 39 -6.17 16.23 8.39
CA GLN D 39 -7.10 16.75 7.34
C GLN D 39 -7.32 18.25 7.52
N PHE D 40 -6.65 19.07 6.69
CA PHE D 40 -6.86 20.54 6.63
C PHE D 40 -8.29 20.79 6.16
N PRO D 41 -8.92 21.90 6.58
CA PRO D 41 -10.22 22.30 6.03
C PRO D 41 -10.30 22.12 4.51
N SER D 42 -11.23 21.27 4.04
CA SER D 42 -11.64 21.09 2.62
C SER D 42 -10.85 19.96 1.93
N GLN D 43 -9.52 19.92 2.11
CA GLN D 43 -8.59 18.95 1.44
C GLN D 43 -8.78 17.57 2.10
N GLY D 44 -8.35 16.49 1.42
CA GLY D 44 -8.41 15.10 1.90
C GLY D 44 -7.35 14.79 2.95
N PRO D 45 -7.58 13.79 3.84
CA PRO D 45 -6.63 13.48 4.92
C PRO D 45 -5.24 13.15 4.37
N ARG D 46 -4.21 13.53 5.11
CA ARG D 46 -2.78 13.33 4.77
C ARG D 46 -2.12 12.55 5.91
N PHE D 47 -1.42 11.46 5.56
CA PHE D 47 -0.48 10.71 6.45
C PHE D 47 0.53 11.69 7.03
N ILE D 48 0.82 11.63 8.33
CA ILE D 48 1.90 12.48 8.95
C ILE D 48 2.98 11.62 9.59
N ILE D 49 2.58 10.62 10.38
CA ILE D 49 3.50 9.76 11.19
C ILE D 49 2.78 8.44 11.54
N GLN D 50 3.58 7.37 11.57
CA GLN D 50 3.18 6.02 12.03
C GLN D 50 4.24 5.56 13.03
N GLY D 51 3.84 4.77 14.02
CA GLY D 51 4.74 4.24 15.06
C GLY D 51 4.23 2.91 15.60
N TYR D 52 5.13 2.04 16.03
CA TYR D 52 4.79 0.71 16.61
C TYR D 52 4.91 0.79 18.14
N LYS D 53 6.12 1.10 18.61
CA LYS D 53 6.52 1.00 20.04
C LYS D 53 7.70 1.94 20.31
N THR D 54 8.64 2.05 19.36
CA THR D 54 9.67 3.08 19.43
C THR D 54 9.00 4.44 19.24
N LYS D 55 9.49 5.47 19.95
CA LYS D 55 9.17 6.89 19.71
C LYS D 55 9.70 7.26 18.31
N VAL D 56 8.94 8.06 17.55
CA VAL D 56 9.30 8.51 16.17
C VAL D 56 9.30 10.04 16.14
N THR D 57 9.98 10.67 15.16
CA THR D 57 10.16 12.14 15.06
C THR D 57 10.47 12.56 13.62
N ASN D 58 9.49 13.15 12.93
CA ASN D 58 9.63 13.67 11.53
CA ASN D 58 9.63 13.67 11.53
C ASN D 58 9.64 15.20 11.60
N GLU D 59 9.69 15.85 10.43
CA GLU D 59 9.58 17.31 10.38
C GLU D 59 8.24 17.72 11.00
N VAL D 60 7.15 17.10 10.54
CA VAL D 60 5.75 17.49 10.82
C VAL D 60 5.43 17.38 12.31
N ALA D 61 5.93 16.34 13.00
CA ALA D 61 5.51 15.97 14.37
C ALA D 61 6.37 14.87 14.97
N SER D 62 5.96 14.37 16.14
CA SER D 62 6.56 13.23 16.90
C SER D 62 5.45 12.40 17.56
N LEU D 63 5.56 11.06 17.50
CA LEU D 63 4.61 10.11 18.15
C LEU D 63 5.33 9.40 19.30
N PHE D 64 4.77 9.47 20.51
CA PHE D 64 5.27 8.76 21.72
C PHE D 64 4.28 7.65 22.08
N ILE D 65 4.81 6.44 22.32
CA ILE D 65 4.05 5.25 22.78
C ILE D 65 4.65 4.79 24.11
N PRO D 66 3.82 4.64 25.17
CA PRO D 66 4.27 4.00 26.41
C PRO D 66 4.14 2.47 26.37
N ALA D 67 4.90 1.80 27.24
CA ALA D 67 4.98 0.33 27.37
C ALA D 67 3.58 -0.28 27.27
N ASP D 68 2.71 0.06 28.24
CA ASP D 68 1.32 -0.48 28.32
CA ASP D 68 1.31 -0.45 28.32
C ASP D 68 0.73 -0.58 26.91
N ARG D 69 1.09 0.36 26.02
CA ARG D 69 0.68 0.38 24.58
C ARG D 69 -0.85 0.50 24.48
N LYS D 70 -1.52 0.89 25.57
CA LYS D 70 -3.01 1.02 25.65
C LYS D 70 -3.46 2.39 25.15
N SER D 71 -2.51 3.31 24.89
CA SER D 71 -2.73 4.73 24.51
C SER D 71 -1.44 5.34 23.97
N SER D 72 -1.49 6.11 22.88
CA SER D 72 -0.34 6.87 22.32
C SER D 72 -0.72 8.35 22.14
N THR D 73 0.28 9.21 21.88
CA THR D 73 0.24 10.68 22.06
C THR D 73 1.07 11.39 20.97
N LEU D 74 0.41 11.84 19.89
CA LEU D 74 1.02 12.68 18.83
C LEU D 74 1.32 14.08 19.40
N SER D 75 2.54 14.57 19.20
CA SER D 75 3.08 15.82 19.80
C SER D 75 3.56 16.78 18.69
N LEU D 76 2.86 17.91 18.54
CA LEU D 76 3.10 18.92 17.48
C LEU D 76 4.03 20.01 17.99
N PRO D 77 5.18 20.27 17.31
CA PRO D 77 6.12 21.29 17.74
C PRO D 77 5.84 22.70 17.19
N ARG D 78 6.04 23.74 18.03
CA ARG D 78 5.92 25.18 17.66
C ARG D 78 4.70 25.38 16.76
N VAL D 79 3.53 24.89 17.17
CA VAL D 79 2.31 24.77 16.33
C VAL D 79 2.03 26.12 15.67
N SER D 80 1.77 26.14 14.36
CA SER D 80 1.43 27.33 13.54
C SER D 80 -0.09 27.46 13.40
N LEU D 81 -0.57 28.59 12.86
CA LEU D 81 -1.99 28.80 12.48
C LEU D 81 -2.39 27.78 11.41
N SER D 82 -1.55 27.60 10.40
CA SER D 82 -1.73 26.64 9.28
C SER D 82 -2.03 25.23 9.85
N ASP D 83 -1.22 24.78 10.83
CA ASP D 83 -1.35 23.44 11.47
C ASP D 83 -2.66 23.39 12.27
N THR D 84 -3.79 23.71 11.64
CA THR D 84 -5.15 23.80 12.25
C THR D 84 -6.09 22.89 11.47
N ALA D 85 -6.30 21.66 11.95
CA ALA D 85 -7.01 20.61 11.19
C ALA D 85 -7.76 19.66 12.13
N VAL D 86 -8.45 18.67 11.57
CA VAL D 86 -8.85 17.42 12.28
C VAL D 86 -7.61 16.50 12.27
N TYR D 87 -7.32 15.88 13.41
CA TYR D 87 -6.21 14.92 13.57
C TYR D 87 -6.82 13.59 14.02
N TYR D 88 -6.87 12.61 13.10
CA TYR D 88 -7.45 11.26 13.31
C TYR D 88 -6.35 10.26 13.67
N CYS D 89 -6.71 9.28 14.51
CA CYS D 89 -5.83 8.21 15.02
C CYS D 89 -6.38 6.85 14.59
N LEU D 90 -5.68 6.20 13.66
CA LEU D 90 -6.01 4.81 13.24
C LEU D 90 -5.07 3.81 13.94
N VAL D 91 -5.68 2.68 14.33
CA VAL D 91 -5.02 1.52 15.00
C VAL D 91 -5.40 0.25 14.22
N GLY D 92 -4.40 -0.48 13.73
CA GLY D 92 -4.60 -1.70 12.93
C GLY D 92 -3.32 -2.19 12.26
N SER D 93 -3.47 -2.81 11.09
CA SER D 93 -2.37 -3.36 10.26
C SER D 93 -2.83 -3.42 8.81
N SER D 94 -2.00 -2.99 7.85
CA SER D 94 -2.29 -3.20 6.41
C SER D 94 -2.69 -4.66 6.19
N PHE D 95 -1.97 -5.59 6.85
CA PHE D 95 -1.93 -7.05 6.57
C PHE D 95 -3.33 -7.69 6.61
N ASN D 96 -4.19 -7.26 7.55
CA ASN D 96 -5.60 -7.69 7.65
C ASN D 96 -6.53 -6.62 7.08
N GLN D 97 -6.23 -5.32 7.35
CA GLN D 97 -6.99 -4.13 6.86
C GLN D 97 -7.19 -4.20 5.34
N GLY D 98 -6.09 -4.33 4.60
CA GLY D 98 -6.06 -4.33 3.13
C GLY D 98 -5.89 -2.93 2.58
N GLY D 99 -5.42 -2.00 3.43
CA GLY D 99 -5.43 -0.55 3.17
C GLY D 99 -6.84 0.00 3.26
N LYS D 100 -7.69 -0.67 4.05
CA LYS D 100 -9.11 -0.35 4.25
C LYS D 100 -9.20 0.36 5.60
N LEU D 101 -8.76 1.62 5.62
CA LEU D 101 -8.64 2.53 6.79
C LEU D 101 -9.99 2.71 7.49
N ILE D 102 -9.97 2.72 8.82
CA ILE D 102 -11.15 2.99 9.70
C ILE D 102 -10.84 4.21 10.57
N PHE D 103 -11.55 5.31 10.30
CA PHE D 103 -11.37 6.64 10.94
C PHE D 103 -12.40 6.80 12.07
N GLY D 104 -12.00 7.49 13.14
CA GLY D 104 -12.91 7.89 14.23
C GLY D 104 -13.64 9.18 13.91
N GLN D 105 -14.06 9.93 14.94
CA GLN D 105 -14.44 11.35 14.80
C GLN D 105 -13.17 12.20 14.64
N GLY D 106 -12.06 11.72 15.19
CA GLY D 106 -10.80 12.48 15.24
C GLY D 106 -10.86 13.57 16.30
N THR D 107 -9.93 14.52 16.23
CA THR D 107 -9.80 15.69 17.14
C THR D 107 -9.59 16.97 16.33
N GLU D 108 -10.62 17.84 16.29
CA GLU D 108 -10.51 19.21 15.72
C GLU D 108 -9.48 20.01 16.51
N LEU D 109 -8.36 20.36 15.88
CA LEU D 109 -7.33 21.25 16.47
C LEU D 109 -7.60 22.68 16.00
N SER D 110 -7.85 23.57 16.97
CA SER D 110 -7.80 25.06 16.80
C SER D 110 -6.43 25.58 17.28
N VAL D 111 -5.82 26.45 16.48
CA VAL D 111 -4.64 27.28 16.87
C VAL D 111 -5.04 28.75 16.73
N LYS D 112 -4.85 29.54 17.80
CA LYS D 112 -5.18 31.00 17.87
C LYS D 112 -3.89 31.78 18.08
N PRO D 113 -3.84 33.08 17.67
CA PRO D 113 -2.67 33.93 17.91
C PRO D 113 -2.72 34.59 19.30
N ASN D 114 -1.56 34.67 19.97
CA ASN D 114 -1.40 35.34 21.30
C ASN D 114 -1.54 36.84 21.09
N ILE D 115 -2.69 37.40 21.46
CA ILE D 115 -3.10 38.79 21.08
C ILE D 115 -2.10 39.77 21.72
N GLN D 116 -1.27 40.37 20.87
CA GLN D 116 -0.04 41.14 21.21
C GLN D 116 -0.44 42.41 21.98
N ASN D 117 -1.40 43.17 21.42
CA ASN D 117 -1.96 44.44 21.98
C ASN D 117 -3.49 44.36 21.99
N PRO D 118 -4.13 43.83 23.07
CA PRO D 118 -5.59 43.73 23.12
C PRO D 118 -6.30 45.10 23.01
N ASP D 119 -7.18 45.29 22.01
CA ASP D 119 -7.78 46.60 21.62
C ASP D 119 -9.22 46.44 21.12
N PRO D 120 -10.15 45.84 21.91
CA PRO D 120 -11.51 45.54 21.43
C PRO D 120 -12.33 46.76 20.95
N ALA D 121 -12.42 46.94 19.62
CA ALA D 121 -13.10 48.05 18.91
C ALA D 121 -14.45 47.59 18.32
N VAL D 122 -15.12 48.47 17.56
CA VAL D 122 -16.30 48.19 16.66
C VAL D 122 -16.33 49.30 15.60
N TYR D 123 -16.68 49.00 14.34
CA TYR D 123 -16.69 49.97 13.20
C TYR D 123 -17.86 49.69 12.24
N GLN D 124 -18.29 50.72 11.48
CA GLN D 124 -19.39 50.68 10.48
C GLN D 124 -18.82 51.02 9.09
N LEU D 125 -19.17 50.23 8.07
CA LEU D 125 -18.55 50.20 6.72
C LEU D 125 -19.65 50.40 5.66
N ARG D 126 -19.39 51.17 4.59
CA ARG D 126 -20.43 51.54 3.60
C ARG D 126 -20.26 50.72 2.31
N ASP D 127 -21.37 50.15 1.82
CA ASP D 127 -21.51 49.40 0.53
C ASP D 127 -21.08 50.31 -0.62
N SER D 128 -19.80 50.21 -1.01
CA SER D 128 -19.11 50.77 -2.21
C SER D 128 -20.05 51.38 -3.28
N LYS D 129 -21.21 50.76 -3.56
CA LYS D 129 -22.05 51.03 -4.76
C LYS D 129 -23.38 51.67 -4.36
N SER D 130 -24.04 51.11 -3.33
CA SER D 130 -25.25 51.70 -2.67
C SER D 130 -24.91 52.02 -1.20
N SER D 131 -24.72 53.31 -0.88
CA SER D 131 -24.16 53.80 0.40
C SER D 131 -25.21 53.80 1.52
N ASP D 132 -26.50 53.53 1.19
CA ASP D 132 -27.60 53.47 2.19
C ASP D 132 -27.40 52.24 3.10
N LYS D 133 -26.88 51.13 2.56
CA LYS D 133 -26.70 49.83 3.30
C LYS D 133 -25.25 49.67 3.78
N SER D 134 -25.07 48.97 4.91
CA SER D 134 -23.81 48.86 5.69
C SER D 134 -23.70 47.49 6.40
N VAL D 135 -22.57 47.26 7.09
CA VAL D 135 -22.29 46.08 7.99
C VAL D 135 -21.40 46.55 9.15
N CYS D 136 -21.49 45.88 10.30
CA CYS D 136 -20.73 46.19 11.54
C CYS D 136 -19.51 45.27 11.65
N LEU D 137 -18.37 45.80 12.11
CA LEU D 137 -17.09 45.07 12.25
C LEU D 137 -16.58 45.14 13.70
N PHE D 138 -16.81 44.08 14.48
CA PHE D 138 -16.10 43.80 15.76
C PHE D 138 -14.71 43.24 15.43
N THR D 139 -13.62 43.94 15.78
CA THR D 139 -12.22 43.60 15.34
C THR D 139 -11.17 43.94 16.42
N ASP D 140 -9.95 43.43 16.22
CA ASP D 140 -8.70 43.70 16.99
C ASP D 140 -8.85 43.27 18.46
N PHE D 141 -9.73 42.32 18.75
CA PHE D 141 -10.11 41.88 20.13
C PHE D 141 -9.28 40.63 20.50
N ASP D 142 -9.34 40.23 21.79
CA ASP D 142 -8.58 39.08 22.36
C ASP D 142 -9.24 37.78 21.90
N SER D 143 -8.46 36.71 21.77
CA SER D 143 -8.92 35.33 21.45
C SER D 143 -9.81 34.80 22.59
N GLN D 144 -9.53 35.25 23.83
CA GLN D 144 -10.13 34.75 25.10
C GLN D 144 -11.57 35.26 25.28
N THR D 145 -12.44 35.06 24.27
CA THR D 145 -13.86 35.54 24.30
C THR D 145 -14.67 34.88 23.19
N ASN D 146 -15.88 34.42 23.53
CA ASN D 146 -16.90 33.87 22.59
C ASN D 146 -17.64 35.04 21.93
N VAL D 147 -17.92 34.91 20.65
CA VAL D 147 -18.82 35.81 19.87
C VAL D 147 -20.22 35.20 19.87
N SER D 148 -21.08 35.63 20.80
CA SER D 148 -22.51 35.24 20.93
C SER D 148 -23.16 35.22 19.55
N GLN D 149 -24.17 34.36 19.34
CA GLN D 149 -24.95 34.29 18.07
C GLN D 149 -25.86 35.51 17.96
N SER D 150 -26.64 35.61 16.87
CA SER D 150 -27.72 36.62 16.69
C SER D 150 -28.78 36.41 17.76
N LYS D 151 -29.70 37.37 17.92
CA LYS D 151 -30.80 37.32 18.90
C LYS D 151 -32.14 37.33 18.13
N ASP D 152 -32.60 38.49 17.66
CA ASP D 152 -33.96 38.66 17.06
C ASP D 152 -33.88 38.16 15.59
N SER D 153 -34.98 38.29 14.84
CA SER D 153 -35.22 37.72 13.48
C SER D 153 -34.02 37.99 12.57
N ASP D 154 -33.87 39.24 12.13
CA ASP D 154 -32.97 39.66 11.02
C ASP D 154 -31.77 40.48 11.56
N VAL D 155 -31.18 40.00 12.66
CA VAL D 155 -29.75 40.27 13.04
C VAL D 155 -28.95 39.02 12.67
N TYR D 156 -27.79 39.20 12.04
CA TYR D 156 -26.92 38.12 11.50
C TYR D 156 -25.48 38.42 11.93
N ILE D 157 -24.85 37.48 12.64
CA ILE D 157 -23.52 37.63 13.32
C ILE D 157 -22.66 36.38 13.12
N THR D 158 -21.46 36.55 12.56
CA THR D 158 -20.50 35.47 12.21
C THR D 158 -19.62 35.11 13.42
N ASP D 159 -19.17 33.85 13.49
CA ASP D 159 -18.07 33.44 14.40
C ASP D 159 -16.83 34.29 14.05
N LYS D 160 -15.77 34.21 14.86
CA LYS D 160 -14.51 34.98 14.67
C LYS D 160 -13.80 34.49 13.40
N CYS D 161 -12.60 35.00 13.13
CA CYS D 161 -11.86 34.78 11.86
C CYS D 161 -10.49 35.46 11.93
N VAL D 162 -9.45 34.70 12.25
CA VAL D 162 -8.05 35.18 12.42
C VAL D 162 -7.44 35.52 11.05
N LEU D 163 -6.94 36.74 10.84
CA LEU D 163 -6.27 37.16 9.58
C LEU D 163 -4.82 37.54 9.86
N ASP D 164 -3.95 37.36 8.86
CA ASP D 164 -2.47 37.46 8.98
C ASP D 164 -1.94 38.41 7.90
N MET D 165 -1.22 39.46 8.30
CA MET D 165 -0.57 40.44 7.40
C MET D 165 0.93 40.16 7.45
N ARG D 166 1.45 39.44 6.46
CA ARG D 166 2.78 38.78 6.54
C ARG D 166 3.91 39.83 6.57
N SER D 167 4.04 40.67 5.54
CA SER D 167 5.16 41.65 5.46
C SER D 167 4.94 42.82 6.46
N MET D 168 4.06 42.66 7.46
CA MET D 168 3.93 43.56 8.64
C MET D 168 3.58 42.75 9.91
N ASP D 169 4.10 41.52 10.04
CA ASP D 169 4.10 40.68 11.27
C ASP D 169 2.95 41.01 12.22
N PHE D 170 1.71 41.13 11.75
CA PHE D 170 0.53 41.51 12.59
C PHE D 170 -0.65 40.59 12.31
N LYS D 171 -0.88 39.63 13.20
CA LYS D 171 -2.12 38.80 13.24
C LYS D 171 -3.15 39.54 14.12
N SER D 172 -4.42 39.50 13.73
CA SER D 172 -5.54 40.12 14.46
C SER D 172 -6.77 39.20 14.38
N ASN D 173 -7.74 39.42 15.25
CA ASN D 173 -9.08 38.79 15.17
C ASN D 173 -10.00 39.71 14.36
N SER D 174 -11.27 39.31 14.20
CA SER D 174 -12.33 40.05 13.47
C SER D 174 -13.60 39.19 13.41
N ALA D 175 -14.76 39.85 13.42
CA ALA D 175 -16.09 39.23 13.26
C ALA D 175 -16.97 40.22 12.49
N VAL D 176 -18.22 39.85 12.19
CA VAL D 176 -19.11 40.68 11.33
C VAL D 176 -20.57 40.47 11.77
N ALA D 177 -21.30 41.59 11.92
CA ALA D 177 -22.76 41.68 12.11
C ALA D 177 -23.37 42.61 11.04
N TRP D 178 -24.65 42.41 10.69
CA TRP D 178 -25.42 43.29 9.76
C TRP D 178 -26.93 43.11 9.99
N SER D 179 -27.73 44.09 9.56
CA SER D 179 -29.22 44.08 9.61
C SER D 179 -29.83 44.90 8.46
N ASN D 180 -31.15 44.72 8.25
CA ASN D 180 -31.85 44.92 6.94
C ASN D 180 -32.92 46.00 7.07
N ASP D 183 -32.46 52.65 14.68
CA ASP D 183 -32.99 51.43 14.02
C ASP D 183 -32.26 50.22 14.62
N PHE D 184 -31.22 49.72 13.96
CA PHE D 184 -30.24 48.75 14.50
C PHE D 184 -28.83 49.37 14.46
N ALA D 185 -28.37 49.89 15.61
CA ALA D 185 -27.03 50.49 15.81
C ALA D 185 -25.99 49.38 15.87
N CYS D 186 -24.82 49.61 15.27
CA CYS D 186 -23.66 48.69 15.35
C CYS D 186 -23.06 48.74 16.77
N ALA D 187 -23.51 49.68 17.59
CA ALA D 187 -23.13 49.83 19.02
C ALA D 187 -23.67 48.66 19.86
N ASN D 188 -24.64 47.89 19.36
CA ASN D 188 -25.27 46.75 20.10
C ASN D 188 -24.81 45.40 19.51
N ALA D 189 -23.95 44.69 20.26
CA ALA D 189 -23.67 43.24 20.19
C ALA D 189 -23.13 42.82 21.58
N PHE D 190 -22.19 41.88 21.67
CA PHE D 190 -21.50 41.49 22.94
C PHE D 190 -22.46 40.65 23.79
N GLY E 4 -1.35 14.23 -7.82
CA GLY E 4 -2.22 13.61 -6.78
C GLY E 4 -3.45 12.97 -7.40
N VAL E 5 -4.34 12.47 -6.52
CA VAL E 5 -5.71 12.00 -6.87
C VAL E 5 -6.52 13.21 -7.32
N SER E 6 -7.32 13.07 -8.37
CA SER E 6 -8.13 14.16 -8.95
C SER E 6 -9.58 13.70 -9.08
N GLN E 7 -10.55 14.58 -8.79
CA GLN E 7 -11.99 14.23 -8.69
C GLN E 7 -12.85 15.18 -9.54
N ASN E 8 -13.83 14.59 -10.23
CA ASN E 8 -14.73 15.20 -11.23
C ASN E 8 -16.17 14.92 -10.83
N PRO E 9 -17.04 15.95 -10.70
CA PRO E 9 -16.59 17.33 -10.50
C PRO E 9 -16.42 17.59 -9.00
N ARG E 10 -15.89 18.76 -8.63
CA ARG E 10 -15.59 19.12 -7.20
C ARG E 10 -16.89 19.44 -6.41
N HIS E 11 -17.97 19.71 -7.14
CA HIS E 11 -19.29 20.14 -6.63
C HIS E 11 -20.41 19.49 -7.46
N LYS E 12 -21.39 18.87 -6.80
CA LYS E 12 -22.56 18.33 -7.53
C LYS E 12 -23.82 18.64 -6.70
N ILE E 13 -24.80 19.26 -7.35
CA ILE E 13 -26.19 19.33 -6.85
C ILE E 13 -27.01 18.37 -7.68
N THR E 14 -28.01 17.76 -7.06
CA THR E 14 -28.94 16.84 -7.72
C THR E 14 -30.26 16.83 -6.93
N LYS E 15 -31.39 16.89 -7.64
CA LYS E 15 -32.76 16.78 -7.07
C LYS E 15 -32.90 15.40 -6.40
N ARG E 16 -33.54 15.34 -5.24
CA ARG E 16 -33.97 14.08 -4.55
C ARG E 16 -34.54 13.09 -5.59
N GLY E 17 -34.29 11.80 -5.41
CA GLY E 17 -34.85 10.72 -6.26
C GLY E 17 -34.10 10.52 -7.57
N GLN E 18 -33.09 11.34 -7.87
CA GLN E 18 -32.32 11.33 -9.15
C GLN E 18 -30.96 10.65 -8.95
N ASN E 19 -30.33 10.22 -10.04
CA ASN E 19 -29.04 9.47 -9.97
C ASN E 19 -27.90 10.49 -10.06
N VAL E 20 -26.70 10.12 -9.60
CA VAL E 20 -25.44 10.90 -9.78
C VAL E 20 -24.24 9.95 -9.92
N THR E 21 -23.22 10.44 -10.61
CA THR E 21 -21.99 9.73 -11.02
C THR E 21 -20.80 10.68 -10.89
N PHE E 22 -20.08 10.60 -9.77
CA PHE E 22 -18.72 11.20 -9.63
C PHE E 22 -17.70 10.26 -10.29
N ARG E 23 -16.51 10.79 -10.52
CA ARG E 23 -15.36 10.06 -11.12
C ARG E 23 -14.11 10.40 -10.31
N CYS E 24 -13.19 9.43 -10.24
CA CYS E 24 -11.85 9.58 -9.64
C CYS E 24 -10.78 9.16 -10.64
N ASP E 25 -9.67 9.89 -10.69
CA ASP E 25 -8.48 9.60 -11.55
C ASP E 25 -7.27 9.48 -10.64
N PRO E 26 -6.81 8.23 -10.31
CA PRO E 26 -5.84 8.04 -9.24
C PRO E 26 -4.45 8.44 -9.74
N ILE E 27 -3.51 8.58 -8.81
CA ILE E 27 -2.05 8.62 -9.11
C ILE E 27 -1.73 7.43 -10.03
N SER E 28 -1.14 7.68 -11.19
CA SER E 28 -0.85 6.62 -12.20
C SER E 28 0.18 5.69 -11.59
N GLU E 29 0.06 4.39 -11.86
CA GLU E 29 0.93 3.31 -11.31
C GLU E 29 0.36 2.79 -9.99
N HIS E 30 -0.53 3.52 -9.31
CA HIS E 30 -1.25 3.03 -8.11
C HIS E 30 -2.31 2.02 -8.57
N ASN E 31 -2.30 0.84 -7.96
CA ASN E 31 -3.02 -0.30 -8.48
C ASN E 31 -4.28 -0.50 -7.64
N ARG E 32 -4.32 0.15 -6.48
CA ARG E 32 -5.48 0.16 -5.55
C ARG E 32 -6.14 1.55 -5.62
N LEU E 33 -7.46 1.59 -5.63
CA LEU E 33 -8.31 2.80 -5.52
C LEU E 33 -9.43 2.52 -4.53
N TYR E 34 -9.66 3.42 -3.58
CA TYR E 34 -10.68 3.30 -2.52
C TYR E 34 -11.65 4.47 -2.62
N TRP E 35 -12.94 4.23 -2.36
CA TRP E 35 -13.98 5.27 -2.16
C TRP E 35 -14.36 5.33 -0.69
N TYR E 36 -14.24 6.52 -0.10
CA TYR E 36 -14.81 6.88 1.23
C TYR E 36 -15.89 7.94 1.09
N ARG E 37 -16.76 8.01 2.11
CA ARG E 37 -17.89 8.95 2.27
C ARG E 37 -17.73 9.68 3.61
N GLN E 38 -17.66 11.02 3.59
CA GLN E 38 -17.49 11.86 4.81
C GLN E 38 -18.64 12.88 4.92
N THR E 39 -19.43 12.78 5.98
CA THR E 39 -20.39 13.83 6.42
C THR E 39 -19.69 14.77 7.39
N LEU E 40 -20.34 15.88 7.74
CA LEU E 40 -19.79 16.98 8.57
C LEU E 40 -19.52 16.49 10.00
N GLY E 41 -18.35 16.88 10.53
CA GLY E 41 -17.88 16.57 11.90
C GLY E 41 -17.65 15.07 12.12
N GLN E 42 -17.30 14.35 11.06
CA GLN E 42 -17.18 12.87 11.08
C GLN E 42 -15.99 12.44 10.22
N GLY E 43 -15.26 11.41 10.68
CA GLY E 43 -14.15 10.79 9.91
C GLY E 43 -14.67 10.06 8.68
N PRO E 44 -13.89 9.94 7.58
CA PRO E 44 -14.35 9.20 6.42
C PRO E 44 -14.68 7.75 6.79
N GLU E 45 -15.86 7.27 6.36
CA GLU E 45 -16.28 5.85 6.35
C GLU E 45 -15.80 5.24 5.04
N PHE E 46 -15.24 4.03 5.08
CA PHE E 46 -14.85 3.25 3.89
C PHE E 46 -16.13 2.75 3.20
N LEU E 47 -16.23 2.91 1.87
CA LEU E 47 -17.35 2.38 1.05
C LEU E 47 -16.93 1.11 0.31
N THR E 48 -15.93 1.19 -0.58
CA THR E 48 -15.43 0.07 -1.42
C THR E 48 -13.99 0.35 -1.88
N TYR E 49 -13.30 -0.63 -2.47
CA TYR E 49 -11.98 -0.45 -3.14
C TYR E 49 -11.77 -1.43 -4.29
N PHE E 50 -10.72 -1.18 -5.06
CA PHE E 50 -10.30 -2.03 -6.20
C PHE E 50 -8.80 -2.34 -6.12
N GLN E 51 -8.44 -3.59 -6.48
CA GLN E 51 -7.12 -3.96 -7.06
C GLN E 51 -7.30 -4.07 -8.57
N ASN E 52 -6.50 -3.34 -9.35
CA ASN E 52 -6.75 -3.05 -10.78
C ASN E 52 -8.24 -2.80 -11.01
N GLU E 53 -8.88 -3.60 -11.88
CA GLU E 53 -10.30 -3.46 -12.20
C GLU E 53 -11.13 -4.37 -11.29
N ALA E 54 -10.51 -5.13 -10.40
CA ALA E 54 -11.25 -6.12 -9.57
C ALA E 54 -11.81 -5.38 -8.35
N GLN E 55 -13.13 -5.25 -8.27
CA GLN E 55 -13.77 -4.64 -7.07
C GLN E 55 -13.69 -5.67 -5.95
N LEU E 56 -12.86 -5.44 -4.95
CA LEU E 56 -12.69 -6.39 -3.83
C LEU E 56 -13.81 -6.16 -2.81
N GLU E 57 -13.48 -5.99 -1.52
CA GLU E 57 -14.48 -6.02 -0.42
C GLU E 57 -15.40 -4.80 -0.56
N LYS E 58 -16.70 -4.98 -0.32
CA LYS E 58 -17.75 -3.93 -0.45
C LYS E 58 -18.50 -3.85 0.89
N SER E 59 -18.46 -2.69 1.53
CA SER E 59 -18.92 -2.45 2.92
C SER E 59 -20.23 -3.18 3.21
N ARG E 60 -20.41 -3.63 4.46
CA ARG E 60 -21.59 -4.37 4.98
C ARG E 60 -22.82 -3.46 4.98
N LEU E 61 -22.64 -2.17 5.31
CA LEU E 61 -23.71 -1.16 5.58
C LEU E 61 -24.05 -0.36 4.31
N LEU E 62 -23.59 -0.79 3.14
CA LEU E 62 -23.67 -0.01 1.87
C LEU E 62 -24.98 -0.30 1.15
N SER E 63 -25.79 0.74 0.90
CA SER E 63 -26.95 0.72 -0.04
C SER E 63 -26.50 0.11 -1.37
N ASP E 64 -27.35 -0.73 -1.99
CA ASP E 64 -27.12 -1.25 -3.37
C ASP E 64 -27.51 -0.18 -4.37
N ARG E 65 -27.89 1.01 -3.88
CA ARG E 65 -27.96 2.26 -4.68
C ARG E 65 -26.53 2.63 -5.08
N PHE E 66 -25.64 2.76 -4.08
CA PHE E 66 -24.17 2.94 -4.26
C PHE E 66 -23.61 1.73 -5.03
N SER E 67 -22.67 1.98 -5.95
CA SER E 67 -22.06 0.96 -6.84
C SER E 67 -20.87 1.54 -7.59
N ALA E 68 -19.66 0.97 -7.46
CA ALA E 68 -18.44 1.49 -8.12
C ALA E 68 -18.09 0.62 -9.34
N GLU E 69 -17.38 1.24 -10.27
CA GLU E 69 -16.82 0.65 -11.52
C GLU E 69 -15.40 1.22 -11.69
N ARG E 70 -14.47 0.37 -12.08
CA ARG E 70 -13.11 0.77 -12.49
C ARG E 70 -12.77 -0.16 -13.65
N PRO E 71 -13.44 0.02 -14.81
CA PRO E 71 -13.01 -0.67 -16.01
C PRO E 71 -11.61 -0.15 -16.29
N LYS E 72 -10.80 -0.95 -16.99
CA LYS E 72 -9.46 -0.56 -17.36
C LYS E 72 -8.53 -0.40 -16.14
N GLY E 73 -9.02 -0.62 -14.92
CA GLY E 73 -8.25 -0.50 -13.67
C GLY E 73 -7.46 0.81 -13.53
N SER E 74 -7.90 1.91 -14.17
CA SER E 74 -7.33 3.28 -14.07
C SER E 74 -8.30 4.16 -13.28
N PHE E 75 -9.05 5.02 -13.98
CA PHE E 75 -10.11 5.88 -13.39
C PHE E 75 -11.20 4.95 -12.84
N SER E 76 -11.98 5.47 -11.88
CA SER E 76 -13.17 4.84 -11.26
C SER E 76 -14.34 5.86 -11.22
N THR E 77 -15.56 5.35 -11.25
CA THR E 77 -16.81 6.13 -11.16
C THR E 77 -17.68 5.52 -10.06
N LEU E 78 -17.96 6.29 -9.01
CA LEU E 78 -19.00 5.98 -7.99
C LEU E 78 -20.33 6.43 -8.56
N GLU E 79 -21.39 5.65 -8.38
CA GLU E 79 -22.73 5.94 -8.92
C GLU E 79 -23.73 5.78 -7.76
N ILE E 80 -24.43 6.86 -7.40
CA ILE E 80 -25.54 6.81 -6.40
C ILE E 80 -26.86 6.95 -7.16
N GLN E 81 -27.77 6.00 -6.93
CA GLN E 81 -29.09 5.93 -7.59
C GLN E 81 -30.16 6.40 -6.61
N ARG E 82 -31.15 7.12 -7.12
CA ARG E 82 -32.39 7.48 -6.40
C ARG E 82 -31.98 8.17 -5.08
N THR E 83 -31.33 9.34 -5.20
CA THR E 83 -30.61 10.03 -4.08
C THR E 83 -31.58 10.42 -2.97
N GLU E 84 -31.06 10.46 -1.73
CA GLU E 84 -31.81 10.80 -0.49
C GLU E 84 -31.09 11.98 0.20
N GLN E 85 -31.64 12.46 1.32
CA GLN E 85 -31.07 13.60 2.09
C GLN E 85 -29.71 13.21 2.65
N GLY E 86 -29.69 12.14 3.44
CA GLY E 86 -28.51 11.56 4.12
C GLY E 86 -27.32 11.39 3.19
N ASP E 87 -27.55 11.08 1.90
CA ASP E 87 -26.48 10.91 0.88
C ASP E 87 -25.60 12.15 0.81
N SER E 88 -26.12 13.33 1.15
CA SER E 88 -25.42 14.63 1.05
C SER E 88 -24.21 14.57 1.98
N ALA E 89 -23.02 14.58 1.39
CA ALA E 89 -21.73 14.28 2.05
C ALA E 89 -20.58 14.47 1.06
N MET E 90 -19.36 14.60 1.57
CA MET E 90 -18.10 14.62 0.77
C MET E 90 -17.80 13.16 0.35
N TYR E 91 -17.64 12.90 -0.95
CA TYR E 91 -17.19 11.59 -1.45
C TYR E 91 -15.71 11.73 -1.81
N LEU E 92 -14.87 11.18 -0.92
CA LEU E 92 -13.39 11.13 -1.01
C LEU E 92 -12.94 9.86 -1.74
N CYS E 93 -12.01 10.03 -2.67
CA CYS E 93 -11.28 8.97 -3.40
C CYS E 93 -9.87 8.81 -2.80
N ALA E 94 -9.27 7.63 -2.93
CA ALA E 94 -7.90 7.35 -2.45
C ALA E 94 -7.23 6.32 -3.36
N SER E 95 -5.91 6.44 -3.55
CA SER E 95 -5.10 5.54 -4.38
C SER E 95 -3.81 5.19 -3.63
N SER E 96 -3.28 3.97 -3.81
CA SER E 96 -2.03 3.44 -3.16
C SER E 96 -1.33 2.43 -4.07
N LEU E 97 -0.07 2.10 -3.74
CA LEU E 97 0.75 0.99 -4.34
C LEU E 97 0.76 -0.17 -3.35
N GLY E 98 -0.20 -1.08 -3.52
CA GLY E 98 -0.43 -2.19 -2.58
C GLY E 98 -1.00 -1.70 -1.27
N ARG E 99 -0.76 -2.42 -0.18
CA ARG E 99 -1.60 -2.33 1.04
C ARG E 99 -1.31 -1.03 1.78
N GLU E 100 -0.22 -0.33 1.48
CA GLU E 100 0.19 0.78 2.32
C GLU E 100 0.76 1.93 1.50
N TYR E 101 1.84 1.67 0.75
CA TYR E 101 2.73 2.75 0.27
C TYR E 101 1.97 3.75 -0.61
N GLY E 102 2.37 5.02 -0.50
CA GLY E 102 1.89 6.11 -1.37
C GLY E 102 0.41 6.38 -1.18
N TYR E 103 -0.18 6.01 -0.02
CA TYR E 103 -1.63 6.18 0.29
C TYR E 103 -1.95 7.67 0.27
N THR E 104 -2.73 8.10 -0.71
CA THR E 104 -3.05 9.52 -1.00
C THR E 104 -4.57 9.67 -1.14
N PHE E 105 -5.14 10.71 -0.53
CA PHE E 105 -6.57 11.04 -0.71
C PHE E 105 -6.70 12.17 -1.73
N GLY E 106 -7.71 12.11 -2.58
CA GLY E 106 -8.14 13.27 -3.40
C GLY E 106 -8.77 14.34 -2.52
N SER E 107 -9.10 15.49 -3.09
CA SER E 107 -9.68 16.65 -2.33
C SER E 107 -11.18 16.42 -2.06
N GLY E 108 -11.88 15.70 -2.93
CA GLY E 108 -13.27 15.27 -2.70
C GLY E 108 -14.20 15.76 -3.81
N THR E 109 -15.44 15.24 -3.79
CA THR E 109 -16.64 15.79 -4.48
C THR E 109 -17.73 16.03 -3.43
N ARG E 110 -18.08 17.30 -3.18
CA ARG E 110 -19.16 17.71 -2.23
C ARG E 110 -20.50 17.42 -2.93
N LEU E 111 -21.38 16.63 -2.33
CA LEU E 111 -22.74 16.37 -2.87
C LEU E 111 -23.79 16.91 -1.90
N THR E 112 -24.71 17.72 -2.44
CA THR E 112 -25.94 18.18 -1.77
C THR E 112 -27.15 17.70 -2.60
N VAL E 113 -28.07 17.01 -1.93
CA VAL E 113 -29.36 16.52 -2.49
C VAL E 113 -30.47 17.46 -2.00
N VAL E 114 -31.06 18.25 -2.90
CA VAL E 114 -32.09 19.29 -2.62
C VAL E 114 -33.47 18.71 -2.91
N GLU E 115 -34.46 19.00 -2.05
CA GLU E 115 -35.78 18.39 -2.18
C GLU E 115 -36.49 18.93 -3.44
N ASP E 116 -36.15 20.15 -3.87
CA ASP E 116 -36.56 20.72 -5.18
C ASP E 116 -35.48 21.72 -5.65
N LEU E 117 -35.28 21.79 -6.97
CA LEU E 117 -34.28 22.68 -7.62
C LEU E 117 -34.57 24.15 -7.27
N ASN E 118 -35.85 24.52 -7.06
CA ASN E 118 -36.29 25.92 -6.81
C ASN E 118 -35.66 26.46 -5.52
N LYS E 119 -35.27 25.58 -4.60
CA LYS E 119 -34.59 25.94 -3.33
C LYS E 119 -33.21 26.52 -3.62
N VAL E 120 -32.68 26.36 -4.83
CA VAL E 120 -31.29 26.79 -5.19
C VAL E 120 -31.34 28.28 -5.52
N PHE E 121 -30.46 29.09 -4.95
CA PHE E 121 -30.33 30.52 -5.28
C PHE E 121 -28.86 30.87 -5.40
N PRO E 122 -28.47 31.67 -6.41
CA PRO E 122 -27.10 32.18 -6.51
C PRO E 122 -26.85 33.24 -5.45
N PRO E 123 -25.59 33.63 -5.21
CA PRO E 123 -25.28 34.62 -4.18
C PRO E 123 -25.40 36.04 -4.75
N GLU E 124 -25.77 37.00 -3.90
CA GLU E 124 -25.58 38.44 -4.14
C GLU E 124 -24.37 38.87 -3.32
N VAL E 125 -23.46 39.64 -3.93
CA VAL E 125 -22.11 40.01 -3.36
C VAL E 125 -22.00 41.54 -3.24
N ALA E 126 -21.53 42.03 -2.09
CA ALA E 126 -21.14 43.44 -1.87
C ALA E 126 -19.78 43.52 -1.17
N VAL E 127 -18.90 44.39 -1.66
CA VAL E 127 -17.68 44.91 -0.95
C VAL E 127 -18.09 46.18 -0.20
N PHE E 128 -17.70 46.25 1.08
CA PHE E 128 -17.92 47.36 2.03
C PHE E 128 -16.54 47.97 2.31
N GLU E 129 -16.39 49.29 2.11
CA GLU E 129 -15.12 50.06 2.29
C GLU E 129 -14.81 50.16 3.78
N PRO E 130 -13.56 50.48 4.18
CA PRO E 130 -13.23 50.59 5.60
C PRO E 130 -13.83 51.86 6.24
N SER E 131 -14.15 51.75 7.54
CA SER E 131 -14.51 52.87 8.44
C SER E 131 -13.28 53.78 8.64
N GLU E 132 -13.46 55.11 8.56
CA GLU E 132 -12.38 56.09 8.83
C GLU E 132 -12.09 56.15 10.33
N ALA E 133 -13.06 55.78 11.17
CA ALA E 133 -12.89 55.51 12.61
C ALA E 133 -11.70 54.57 12.78
N GLU E 134 -11.72 53.44 12.07
CA GLU E 134 -10.69 52.36 12.08
C GLU E 134 -9.37 52.91 11.53
N ILE E 135 -9.43 53.70 10.45
CA ILE E 135 -8.24 54.14 9.65
C ILE E 135 -7.36 55.10 10.46
N SER E 136 -7.95 56.00 11.26
CA SER E 136 -7.19 56.93 12.13
C SER E 136 -6.61 56.16 13.34
N HIS E 137 -7.44 55.37 14.04
CA HIS E 137 -7.11 54.68 15.32
C HIS E 137 -6.03 53.61 15.11
N THR E 138 -6.37 52.53 14.39
CA THR E 138 -5.53 51.30 14.23
C THR E 138 -4.59 51.41 13.03
N GLN E 139 -4.63 52.51 12.27
CA GLN E 139 -3.66 52.82 11.19
C GLN E 139 -3.75 51.75 10.08
N LYS E 140 -4.95 51.19 9.89
CA LYS E 140 -5.23 50.06 8.96
C LYS E 140 -6.63 50.22 8.36
N ALA E 141 -6.91 49.45 7.31
CA ALA E 141 -8.14 49.53 6.49
C ALA E 141 -8.68 48.12 6.22
N THR E 142 -9.65 47.66 7.03
CA THR E 142 -10.35 46.35 6.89
C THR E 142 -11.52 46.51 5.92
N LEU E 143 -11.36 46.03 4.67
CA LEU E 143 -12.48 45.80 3.72
C LEU E 143 -13.29 44.59 4.22
N VAL E 144 -14.59 44.51 3.91
CA VAL E 144 -15.43 43.30 4.16
C VAL E 144 -16.21 42.98 2.89
N CYS E 145 -16.11 41.73 2.44
CA CYS E 145 -16.98 41.16 1.39
C CYS E 145 -18.09 40.35 2.04
N LEU E 146 -19.23 40.24 1.35
CA LEU E 146 -20.48 39.70 1.91
C LEU E 146 -21.27 39.02 0.78
N ALA E 147 -21.32 37.69 0.78
CA ALA E 147 -22.17 36.88 -0.11
C ALA E 147 -23.39 36.45 0.71
N THR E 148 -24.60 36.84 0.27
CA THR E 148 -25.89 36.57 0.97
C THR E 148 -26.87 35.90 0.00
N GLY E 149 -27.67 34.96 0.52
CA GLY E 149 -28.90 34.46 -0.13
C GLY E 149 -28.66 33.36 -1.16
N PHE E 150 -27.52 32.65 -1.06
CA PHE E 150 -27.17 31.49 -1.92
C PHE E 150 -27.57 30.18 -1.24
N TYR E 151 -28.04 29.21 -2.04
CA TYR E 151 -28.25 27.80 -1.65
C TYR E 151 -27.87 26.90 -2.83
N PRO E 152 -27.15 25.78 -2.59
CA PRO E 152 -26.61 25.42 -1.28
C PRO E 152 -25.26 26.12 -1.06
N ASP E 153 -24.48 25.71 -0.06
CA ASP E 153 -23.15 26.28 0.27
C ASP E 153 -22.07 25.76 -0.70
N HIS E 154 -22.19 25.97 -2.02
CA HIS E 154 -21.11 25.66 -2.99
C HIS E 154 -20.55 26.94 -3.62
N VAL E 155 -19.76 27.71 -2.85
CA VAL E 155 -19.20 29.02 -3.28
C VAL E 155 -17.69 29.05 -2.99
N GLU E 156 -16.89 29.58 -3.92
CA GLU E 156 -15.45 29.87 -3.72
C GLU E 156 -15.19 31.38 -3.83
N LEU E 157 -14.87 31.98 -2.68
CA LEU E 157 -14.66 33.43 -2.47
C LEU E 157 -13.16 33.73 -2.46
N SER E 158 -12.66 34.43 -3.48
CA SER E 158 -11.29 34.99 -3.57
C SER E 158 -11.32 36.53 -3.46
N TRP E 159 -10.16 37.15 -3.16
CA TRP E 159 -9.86 38.60 -3.25
C TRP E 159 -8.91 38.84 -4.42
N TRP E 160 -8.99 40.01 -5.08
CA TRP E 160 -8.18 40.35 -6.29
C TRP E 160 -7.73 41.83 -6.25
N VAL E 161 -6.52 42.07 -5.73
CA VAL E 161 -5.87 43.42 -5.71
C VAL E 161 -5.16 43.64 -7.05
N ASN E 162 -5.58 44.66 -7.81
CA ASN E 162 -4.96 45.10 -9.10
C ASN E 162 -4.70 43.89 -10.01
N GLY E 163 -5.70 43.01 -10.17
CA GLY E 163 -5.70 41.91 -11.16
C GLY E 163 -5.07 40.63 -10.64
N LYS E 164 -4.60 40.62 -9.40
CA LYS E 164 -3.76 39.54 -8.84
C LYS E 164 -4.30 39.08 -7.48
N GLU E 165 -4.57 37.77 -7.36
CA GLU E 165 -5.16 37.10 -6.16
C GLU E 165 -4.22 37.28 -4.96
N VAL E 166 -4.77 37.34 -3.74
CA VAL E 166 -4.04 37.71 -2.50
C VAL E 166 -4.54 36.82 -1.36
N HIS E 167 -3.68 36.60 -0.35
CA HIS E 167 -3.93 35.68 0.80
C HIS E 167 -3.40 36.31 2.10
N SER E 168 -2.38 37.17 2.02
CA SER E 168 -2.00 38.11 3.11
C SER E 168 -3.19 39.04 3.42
N GLY E 169 -3.61 39.07 4.69
CA GLY E 169 -4.67 39.96 5.20
C GLY E 169 -6.05 39.33 5.16
N VAL E 170 -6.22 38.25 4.39
CA VAL E 170 -7.55 37.69 4.02
C VAL E 170 -8.08 36.80 5.16
N CYS E 171 -9.40 36.72 5.30
CA CYS E 171 -10.08 35.82 6.25
C CYS E 171 -11.54 35.65 5.82
N THR E 172 -11.86 34.49 5.23
CA THR E 172 -13.23 34.02 4.92
C THR E 172 -13.73 33.26 6.15
N ASP E 173 -15.05 33.19 6.42
CA ASP E 173 -15.57 32.48 7.61
C ASP E 173 -15.31 30.99 7.46
N PRO E 174 -15.19 30.23 8.57
CA PRO E 174 -14.92 28.80 8.50
C PRO E 174 -16.03 28.07 7.70
N GLN E 175 -17.26 28.04 8.21
CA GLN E 175 -18.46 27.64 7.41
C GLN E 175 -19.48 28.79 7.48
N PRO E 176 -20.52 28.80 6.62
CA PRO E 176 -21.57 29.80 6.67
C PRO E 176 -22.45 29.77 7.92
N LEU E 177 -23.31 30.79 8.04
CA LEU E 177 -24.49 30.79 8.94
C LEU E 177 -25.76 30.88 8.08
N LYS E 178 -26.88 30.43 8.65
CA LYS E 178 -28.19 30.31 7.98
C LYS E 178 -29.00 31.60 8.22
N GLU E 179 -29.75 32.05 7.21
CA GLU E 179 -30.63 33.25 7.26
C GLU E 179 -31.87 32.91 8.10
N GLN E 180 -32.43 31.70 7.93
CA GLN E 180 -33.54 31.14 8.76
C GLN E 180 -33.06 29.83 9.36
N PRO E 181 -32.30 29.87 10.48
CA PRO E 181 -31.75 28.65 11.12
C PRO E 181 -32.72 27.51 11.44
N ALA E 182 -34.03 27.76 11.41
CA ALA E 182 -35.12 26.77 11.64
C ALA E 182 -35.31 25.92 10.37
N LEU E 183 -36.04 26.43 9.37
CA LEU E 183 -36.46 25.68 8.15
C LEU E 183 -35.21 25.07 7.49
N ASN E 184 -35.22 23.74 7.30
CA ASN E 184 -34.01 22.88 7.10
C ASN E 184 -33.21 23.31 5.87
N ASP E 185 -33.90 23.52 4.73
CA ASP E 185 -33.32 24.10 3.48
C ASP E 185 -33.32 25.63 3.61
N SER E 186 -32.56 26.17 4.58
CA SER E 186 -32.32 27.61 4.75
C SER E 186 -31.35 28.08 3.67
N ARG E 187 -31.36 29.38 3.38
CA ARG E 187 -30.41 30.01 2.44
C ARG E 187 -29.27 30.58 3.27
N TYR E 188 -28.06 30.58 2.72
CA TYR E 188 -26.80 30.77 3.48
C TYR E 188 -26.29 32.19 3.26
N ALA E 189 -25.43 32.67 4.17
CA ALA E 189 -24.63 33.91 3.99
C ALA E 189 -23.24 33.71 4.60
N LEU E 190 -22.24 34.33 3.97
CA LEU E 190 -20.79 34.19 4.27
C LEU E 190 -20.14 35.57 4.16
N SER E 191 -19.20 35.89 5.07
CA SER E 191 -18.41 37.15 5.06
C SER E 191 -16.96 36.86 4.69
N SER E 192 -16.17 37.91 4.44
CA SER E 192 -14.70 37.84 4.24
C SER E 192 -14.10 39.22 4.50
N ARG E 193 -12.96 39.29 5.21
CA ARG E 193 -12.21 40.56 5.42
C ARG E 193 -10.94 40.54 4.58
N LEU E 194 -10.50 41.74 4.16
CA LEU E 194 -9.14 42.01 3.63
C LEU E 194 -8.60 43.25 4.36
N ARG E 195 -7.72 43.08 5.35
CA ARG E 195 -7.01 44.18 6.05
C ARG E 195 -5.68 44.48 5.32
N VAL E 196 -5.46 45.73 4.90
CA VAL E 196 -4.19 46.24 4.31
C VAL E 196 -3.84 47.57 5.00
N SER E 197 -2.65 48.11 4.74
CA SER E 197 -2.13 49.36 5.38
C SER E 197 -3.01 50.56 4.99
N ALA E 198 -3.34 51.40 5.98
CA ALA E 198 -4.09 52.66 5.80
C ALA E 198 -3.70 53.32 4.46
N THR E 199 -2.39 53.55 4.26
CA THR E 199 -1.79 54.25 3.08
C THR E 199 -2.10 53.54 1.75
N PHE E 200 -2.29 52.21 1.77
CA PHE E 200 -2.51 51.38 0.57
C PHE E 200 -3.96 51.48 0.09
N TRP E 201 -4.92 51.62 1.02
CA TRP E 201 -6.35 51.91 0.70
C TRP E 201 -6.52 53.38 0.26
N GLN E 202 -5.60 54.26 0.64
CA GLN E 202 -5.70 55.73 0.35
C GLN E 202 -5.06 56.03 -1.01
N ASP E 203 -4.44 55.03 -1.65
CA ASP E 203 -3.89 55.15 -3.03
C ASP E 203 -5.07 55.15 -4.01
N PRO E 204 -5.29 56.21 -4.83
CA PRO E 204 -6.38 56.20 -5.81
C PRO E 204 -6.26 55.12 -6.90
N ARG E 205 -5.04 54.67 -7.21
CA ARG E 205 -4.73 53.75 -8.34
C ARG E 205 -4.93 52.28 -7.92
N ASN E 206 -5.16 52.00 -6.62
CA ASN E 206 -5.23 50.62 -6.05
C ASN E 206 -6.66 50.09 -6.15
N HIS E 207 -6.85 49.02 -6.94
CA HIS E 207 -8.16 48.38 -7.24
C HIS E 207 -8.35 47.16 -6.33
N PHE E 208 -9.54 47.02 -5.75
CA PHE E 208 -9.98 45.84 -4.96
C PHE E 208 -11.13 45.19 -5.72
N ARG E 209 -11.35 43.90 -5.47
CA ARG E 209 -12.41 43.08 -6.13
C ARG E 209 -12.59 41.81 -5.31
N CYS E 210 -13.81 41.57 -4.84
CA CYS E 210 -14.23 40.35 -4.14
C CYS E 210 -15.08 39.50 -5.09
N GLN E 211 -14.45 38.45 -5.66
CA GLN E 211 -15.05 37.43 -6.56
C GLN E 211 -15.72 36.34 -5.71
N VAL E 212 -16.86 35.81 -6.18
CA VAL E 212 -17.51 34.62 -5.58
C VAL E 212 -17.90 33.67 -6.70
N GLN E 213 -17.18 32.54 -6.82
CA GLN E 213 -17.58 31.46 -7.76
C GLN E 213 -18.77 30.76 -7.11
N PHE E 214 -19.88 30.66 -7.83
CA PHE E 214 -21.02 29.79 -7.45
C PHE E 214 -20.92 28.47 -8.21
N TYR E 215 -21.52 27.45 -7.60
CA TYR E 215 -21.79 26.12 -8.18
C TYR E 215 -23.27 25.84 -7.93
N GLY E 216 -24.01 25.85 -9.04
CA GLY E 216 -25.46 25.60 -9.08
C GLY E 216 -25.77 24.81 -10.33
N LEU E 217 -27.04 24.79 -10.73
CA LEU E 217 -27.52 24.04 -11.93
C LEU E 217 -26.61 24.30 -13.14
N SER E 218 -26.69 23.40 -14.14
CA SER E 218 -25.98 23.46 -15.43
C SER E 218 -26.99 23.20 -16.57
N GLU E 219 -26.56 23.34 -17.82
CA GLU E 219 -27.47 23.35 -19.00
C GLU E 219 -28.30 22.07 -18.99
N ASN E 220 -27.74 20.97 -18.47
CA ASN E 220 -28.42 19.65 -18.29
C ASN E 220 -29.71 19.79 -17.50
N ASP E 221 -29.75 20.69 -16.52
CA ASP E 221 -30.88 20.85 -15.56
C ASP E 221 -32.01 21.67 -16.22
N GLU E 222 -33.19 21.06 -16.32
CA GLU E 222 -34.45 21.70 -16.79
C GLU E 222 -34.85 22.78 -15.78
N TRP E 223 -35.26 23.95 -16.28
CA TRP E 223 -35.71 25.11 -15.45
C TRP E 223 -37.01 25.70 -16.02
N THR E 224 -38.13 25.46 -15.35
CA THR E 224 -39.45 26.07 -15.68
C THR E 224 -39.93 26.82 -14.43
N GLN E 225 -39.53 28.09 -14.29
CA GLN E 225 -40.00 29.05 -13.25
C GLN E 225 -39.99 30.44 -13.89
N ASP E 226 -40.57 31.44 -13.21
CA ASP E 226 -40.41 32.87 -13.60
C ASP E 226 -38.92 33.21 -13.53
N ARG E 227 -38.36 33.24 -12.31
CA ARG E 227 -37.08 33.94 -11.98
C ARG E 227 -35.91 33.39 -12.78
N ALA E 228 -34.76 34.07 -12.70
CA ALA E 228 -33.50 33.74 -13.40
C ALA E 228 -32.98 32.36 -12.95
N LYS E 229 -32.76 31.45 -13.90
CA LYS E 229 -32.19 30.09 -13.66
C LYS E 229 -30.92 30.21 -12.83
N PRO E 230 -30.82 29.50 -11.66
CA PRO E 230 -29.76 29.73 -10.68
C PRO E 230 -28.49 28.99 -11.06
N VAL E 231 -27.93 29.35 -12.22
CA VAL E 231 -26.84 28.56 -12.88
C VAL E 231 -25.51 28.86 -12.21
N THR E 232 -24.53 27.99 -12.46
CA THR E 232 -23.10 28.22 -12.16
C THR E 232 -22.74 29.58 -12.76
N GLN E 233 -22.26 30.50 -11.91
CA GLN E 233 -21.80 31.85 -12.33
C GLN E 233 -20.78 32.41 -11.33
N ILE E 234 -20.01 33.40 -11.79
CA ILE E 234 -19.08 34.20 -10.95
C ILE E 234 -19.73 35.58 -10.78
N VAL E 235 -19.98 35.95 -9.52
CA VAL E 235 -20.63 37.22 -9.10
C VAL E 235 -19.60 37.99 -8.27
N SER E 236 -19.31 39.23 -8.70
CA SER E 236 -18.16 40.06 -8.27
C SER E 236 -18.64 41.44 -7.78
N ALA E 237 -17.78 42.15 -7.06
CA ALA E 237 -18.03 43.45 -6.37
C ALA E 237 -16.69 44.13 -6.15
N GLU E 238 -16.59 45.44 -6.36
CA GLU E 238 -15.29 46.17 -6.34
C GLU E 238 -15.33 47.37 -5.39
N ALA E 239 -14.14 47.88 -5.12
CA ALA E 239 -13.88 49.18 -4.47
C ALA E 239 -12.56 49.72 -5.04
N TRP E 240 -12.38 51.03 -5.03
CA TRP E 240 -11.09 51.68 -5.32
C TRP E 240 -10.59 52.43 -4.08
N GLY E 241 -9.28 52.68 -4.05
CA GLY E 241 -8.66 53.55 -3.03
C GLY E 241 -9.01 54.99 -3.28
N ARG E 242 -9.28 55.73 -2.20
CA ARG E 242 -9.68 57.15 -2.20
C ARG E 242 -8.82 57.89 -1.17
N ALA E 243 -8.50 59.15 -1.43
CA ALA E 243 -7.76 60.04 -0.51
C ALA E 243 -8.76 60.88 0.31
N ASP E 244 -9.48 60.22 1.23
CA ASP E 244 -10.57 60.83 2.04
C ASP E 244 -10.02 61.22 3.42
#